data_2Z22
#
_entry.id   2Z22
#
_cell.length_a   68.930
_cell.length_b   60.820
_cell.length_c   78.780
_cell.angle_alpha   90.00
_cell.angle_beta   100.14
_cell.angle_gamma   90.00
#
_symmetry.space_group_name_H-M   'P 1 21 1'
#
loop_
_entity.id
_entity.type
_entity.pdbx_description
1 polymer 'Periplasmic phosphate-binding protein'
2 non-polymer 'PHOSPHATE ION'
3 water water
#
_entity_poly.entity_id   1
_entity_poly.type   'polypeptide(L)'
_entity_poly.pdbx_seq_one_letter_code
;EASLTGAGATFPAPVYAKWADSYQKETGNKINYQGIGSSGGVKQIIANTVDFGASDAPLTDEKLATEGLFQFPTVIGGVV
LAVNIPGIKSGELTLDGKTLGDIYLGTVKKWNDPAIVKLNPGVKLPDQNIAVVRRADGSGTSFVFTSYLAKVNAEWKEKV
GAGSTVNWPTGLGGKGNDGIAAFVQRLPGSIGYVEYAYAKQNNLAYTKLISADGKPVSPTEHSFSSAAKGVDWSKSFAQD
LTNQKGDDVWPITSTTFILVHKEQKNAANGTEVLKFFDWGYTHGAKQANELDYATLPAEVVEQVRAAWKTQIKDSSGKPI
F
;
_entity_poly.pdbx_strand_id   X,A
#
loop_
_chem_comp.id
_chem_comp.type
_chem_comp.name
_chem_comp.formula
PO4 non-polymer 'PHOSPHATE ION' 'O4 P -3'
#
# COMPACT_ATOMS: atom_id res chain seq x y z
N GLU A 1 32.32 30.16 6.90
CA GLU A 1 32.46 31.25 5.90
C GLU A 1 31.24 31.29 4.98
N ALA A 2 31.18 30.37 4.02
CA ALA A 2 30.06 30.32 3.09
C ALA A 2 28.87 29.57 3.66
N SER A 3 27.69 29.87 3.12
CA SER A 3 26.45 29.23 3.53
C SER A 3 25.68 28.95 2.23
N LEU A 4 25.79 27.71 1.75
CA LEU A 4 25.16 27.33 0.49
C LEU A 4 23.96 26.39 0.60
N THR A 5 23.10 26.44 -0.41
CA THR A 5 21.93 25.60 -0.46
C THR A 5 21.87 24.85 -1.79
N GLY A 6 21.57 23.56 -1.71
CA GLY A 6 21.47 22.74 -2.90
C GLY A 6 20.25 21.86 -2.71
N ALA A 7 19.65 21.40 -3.79
CA ALA A 7 18.46 20.55 -3.69
C ALA A 7 18.32 19.59 -4.86
N GLY A 8 17.66 18.46 -4.63
CA GLY A 8 17.46 17.50 -5.69
C GLY A 8 17.50 16.04 -5.26
N ALA A 9 18.15 15.22 -6.08
CA ALA A 9 18.28 13.78 -5.86
C ALA A 9 18.53 13.32 -4.43
N THR A 10 17.81 12.28 -4.04
CA THR A 10 17.97 11.69 -2.71
C THR A 10 18.98 10.56 -2.85
N PHE A 11 19.12 10.08 -4.08
CA PHE A 11 20.03 8.99 -4.42
C PHE A 11 21.42 9.17 -3.76
N PRO A 12 22.01 10.37 -3.88
CA PRO A 12 23.32 10.60 -3.28
C PRO A 12 23.30 11.40 -1.97
N ALA A 13 22.10 11.70 -1.48
CA ALA A 13 21.96 12.50 -0.26
C ALA A 13 22.81 12.04 0.92
N PRO A 14 22.88 10.72 1.19
CA PRO A 14 23.68 10.26 2.33
C PRO A 14 25.16 10.67 2.25
N VAL A 15 25.76 10.55 1.07
CA VAL A 15 27.16 10.93 0.94
C VAL A 15 27.33 12.44 0.88
N TYR A 16 26.40 13.15 0.23
CA TYR A 16 26.49 14.61 0.17
C TYR A 16 26.39 15.18 1.58
N ALA A 17 25.57 14.53 2.41
CA ALA A 17 25.37 14.97 3.79
C ALA A 17 26.63 14.72 4.61
N LYS A 18 27.26 13.58 4.41
CA LYS A 18 28.48 13.26 5.15
C LYS A 18 29.61 14.19 4.73
N TRP A 19 29.76 14.39 3.42
CA TRP A 19 30.80 15.29 2.90
C TRP A 19 30.60 16.69 3.48
N ALA A 20 29.35 17.17 3.43
CA ALA A 20 29.01 18.49 3.96
C ALA A 20 29.41 18.62 5.42
N ASP A 21 29.19 17.56 6.19
CA ASP A 21 29.54 17.59 7.61
C ASP A 21 31.06 17.68 7.80
N SER A 22 31.79 16.82 7.09
CA SER A 22 33.24 16.81 7.18
C SER A 22 33.84 18.11 6.65
N TYR A 23 33.26 18.63 5.57
CA TYR A 23 33.74 19.85 4.95
C TYR A 23 33.57 21.06 5.88
N GLN A 24 32.43 21.14 6.55
CA GLN A 24 32.18 22.26 7.45
C GLN A 24 33.13 22.27 8.63
N LYS A 25 33.49 21.09 9.13
CA LYS A 25 34.39 21.00 10.28
C LYS A 25 35.81 21.37 9.89
N GLU A 26 36.18 21.08 8.64
CA GLU A 26 37.52 21.38 8.16
C GLU A 26 37.71 22.79 7.62
N THR A 27 36.65 23.36 7.05
CA THR A 27 36.74 24.69 6.45
C THR A 27 35.80 25.76 7.01
N GLY A 28 34.74 25.34 7.71
CA GLY A 28 33.80 26.30 8.25
C GLY A 28 32.64 26.53 7.29
N ASN A 29 32.83 26.16 6.02
CA ASN A 29 31.79 26.34 5.01
C ASN A 29 30.58 25.43 5.27
N LYS A 30 29.39 26.01 5.19
CA LYS A 30 28.15 25.26 5.44
C LYS A 30 27.38 24.97 4.16
N ILE A 31 27.12 23.69 3.89
CA ILE A 31 26.35 23.32 2.71
C ILE A 31 25.07 22.63 3.17
N ASN A 32 23.92 23.20 2.83
CA ASN A 32 22.63 22.62 3.18
C ASN A 32 22.05 21.95 1.95
N TYR A 33 21.71 20.67 2.08
CA TYR A 33 21.15 19.94 0.97
C TYR A 33 19.73 19.44 1.22
N GLN A 34 18.82 19.74 0.31
CA GLN A 34 17.43 19.32 0.43
C GLN A 34 17.11 18.18 -0.55
N GLY A 35 16.79 17.02 -0.01
CA GLY A 35 16.45 15.88 -0.86
C GLY A 35 15.00 15.91 -1.28
N ILE A 36 14.73 16.50 -2.44
CA ILE A 36 13.37 16.60 -2.94
C ILE A 36 13.16 15.83 -4.25
N GLY A 37 14.14 15.02 -4.63
CA GLY A 37 14.03 14.27 -5.87
C GLY A 37 14.67 15.03 -7.02
N SER A 38 15.19 14.31 -8.00
CA SER A 38 15.86 14.93 -9.15
C SER A 38 15.00 15.92 -9.94
N SER A 39 13.75 15.55 -10.20
CA SER A 39 12.87 16.44 -10.96
C SER A 39 12.71 17.80 -10.28
N GLY A 40 12.52 17.78 -8.96
CA GLY A 40 12.37 19.03 -8.23
C GLY A 40 13.68 19.80 -8.18
N GLY A 41 14.79 19.08 -8.13
CA GLY A 41 16.09 19.73 -8.09
C GLY A 41 16.33 20.55 -9.34
N VAL A 42 16.01 19.97 -10.49
CA VAL A 42 16.19 20.65 -11.77
C VAL A 42 15.37 21.93 -11.84
N LYS A 43 14.12 21.84 -11.42
CA LYS A 43 13.23 23.00 -11.43
C LYS A 43 13.73 24.10 -10.51
N GLN A 44 14.23 23.73 -9.34
CA GLN A 44 14.72 24.72 -8.39
C GLN A 44 15.97 25.45 -8.85
N ILE A 45 16.89 24.76 -9.50
CA ILE A 45 18.10 25.43 -9.96
C ILE A 45 17.72 26.37 -11.10
N ILE A 46 16.83 25.91 -11.98
CA ILE A 46 16.38 26.73 -13.10
C ILE A 46 15.61 27.96 -12.58
N ALA A 47 14.95 27.80 -11.44
CA ALA A 47 14.19 28.89 -10.84
C ALA A 47 15.09 29.75 -9.95
N ASN A 48 16.38 29.41 -9.93
CA ASN A 48 17.35 30.14 -9.13
C ASN A 48 16.95 30.25 -7.67
N THR A 49 16.48 29.16 -7.08
CA THR A 49 16.07 29.18 -5.67
C THR A 49 17.14 28.56 -4.78
N VAL A 50 18.09 27.88 -5.41
CA VAL A 50 19.20 27.24 -4.70
C VAL A 50 20.50 27.53 -5.42
N ASP A 51 21.63 27.21 -4.79
CA ASP A 51 22.93 27.45 -5.39
C ASP A 51 23.31 26.38 -6.41
N PHE A 52 22.79 25.18 -6.24
CA PHE A 52 23.04 24.09 -7.19
C PHE A 52 21.92 23.07 -7.15
N GLY A 53 21.75 22.36 -8.26
CA GLY A 53 20.73 21.34 -8.34
C GLY A 53 21.39 19.97 -8.44
N ALA A 54 20.65 18.92 -8.13
CA ALA A 54 21.19 17.57 -8.20
C ALA A 54 20.17 16.65 -8.86
N SER A 55 20.63 15.91 -9.86
CA SER A 55 19.76 14.99 -10.59
C SER A 55 20.52 13.74 -11.01
N ASP A 56 19.89 12.57 -10.86
CA ASP A 56 20.53 11.32 -11.25
C ASP A 56 20.33 11.15 -12.76
N ALA A 57 19.27 11.76 -13.28
CA ALA A 57 18.97 11.68 -14.71
C ALA A 57 19.70 12.84 -15.39
N PRO A 58 20.51 12.54 -16.41
CA PRO A 58 21.24 13.59 -17.12
C PRO A 58 20.30 14.46 -17.95
N LEU A 59 20.66 15.74 -18.11
CA LEU A 59 19.87 16.63 -18.94
C LEU A 59 20.53 16.59 -20.31
N THR A 60 19.73 16.63 -21.37
CA THR A 60 20.27 16.60 -22.73
C THR A 60 21.17 17.81 -22.95
N ASP A 61 22.18 17.66 -23.81
CA ASP A 61 23.09 18.76 -24.10
C ASP A 61 22.31 19.95 -24.63
N GLU A 62 21.18 19.66 -25.27
CA GLU A 62 20.33 20.70 -25.83
C GLU A 62 19.73 21.56 -24.72
N LYS A 63 19.08 20.92 -23.75
CA LYS A 63 18.47 21.66 -22.66
C LYS A 63 19.51 22.38 -21.82
N LEU A 64 20.64 21.73 -21.58
CA LEU A 64 21.70 22.36 -20.80
C LEU A 64 22.06 23.68 -21.45
N ALA A 65 22.23 23.65 -22.77
CA ALA A 65 22.57 24.85 -23.53
C ALA A 65 21.49 25.92 -23.43
N THR A 66 20.24 25.52 -23.66
CA THR A 66 19.11 26.44 -23.62
C THR A 66 18.93 27.09 -22.24
N GLU A 67 19.09 26.30 -21.19
CA GLU A 67 18.91 26.80 -19.83
C GLU A 67 20.18 27.42 -19.24
N GLY A 68 21.27 27.37 -20.00
CA GLY A 68 22.52 27.93 -19.53
C GLY A 68 23.02 27.22 -18.28
N LEU A 69 22.98 25.88 -18.33
CA LEU A 69 23.43 25.06 -17.22
C LEU A 69 24.62 24.19 -17.59
N PHE A 70 25.34 23.73 -16.57
CA PHE A 70 26.47 22.85 -16.74
C PHE A 70 26.29 21.70 -15.76
N GLN A 71 26.50 20.47 -16.22
CA GLN A 71 26.34 19.33 -15.32
C GLN A 71 27.58 18.46 -15.27
N PHE A 72 27.90 17.95 -14.09
CA PHE A 72 29.06 17.08 -13.90
C PHE A 72 28.72 15.97 -12.92
N PRO A 73 29.26 14.76 -13.14
CA PRO A 73 29.01 13.60 -12.28
C PRO A 73 29.87 13.66 -11.02
N THR A 74 29.34 13.15 -9.90
CA THR A 74 30.07 13.16 -8.64
C THR A 74 30.51 11.78 -8.17
N VAL A 75 29.53 10.90 -7.97
CA VAL A 75 29.81 9.54 -7.51
C VAL A 75 28.99 8.51 -8.26
N ILE A 76 29.23 7.24 -7.95
CA ILE A 76 28.52 6.14 -8.58
C ILE A 76 27.86 5.27 -7.52
N GLY A 77 26.54 5.10 -7.64
CA GLY A 77 25.81 4.29 -6.69
C GLY A 77 25.08 3.16 -7.39
N GLY A 78 24.31 2.40 -6.63
CA GLY A 78 23.57 1.31 -7.22
C GLY A 78 22.15 1.23 -6.67
N VAL A 79 21.23 0.80 -7.51
CA VAL A 79 19.84 0.67 -7.12
C VAL A 79 19.61 -0.80 -6.79
N VAL A 80 19.06 -1.05 -5.61
CA VAL A 80 18.80 -2.42 -5.19
C VAL A 80 17.32 -2.62 -4.95
N LEU A 81 16.91 -3.88 -4.81
CA LEU A 81 15.53 -4.18 -4.54
C LEU A 81 15.42 -4.61 -3.09
N ALA A 82 14.82 -3.75 -2.27
CA ALA A 82 14.63 -4.06 -0.87
C ALA A 82 13.34 -4.86 -0.79
N VAL A 83 13.34 -5.93 0.00
CA VAL A 83 12.17 -6.78 0.14
C VAL A 83 11.87 -7.09 1.60
N ASN A 84 10.60 -7.42 1.87
CA ASN A 84 10.14 -7.76 3.20
C ASN A 84 9.40 -9.08 3.05
N ILE A 85 10.13 -10.19 3.12
CA ILE A 85 9.54 -11.52 2.96
C ILE A 85 9.91 -12.42 4.15
N PRO A 86 8.92 -13.16 4.68
CA PRO A 86 9.15 -14.06 5.82
C PRO A 86 10.30 -15.03 5.60
N GLY A 87 11.28 -15.00 6.50
CA GLY A 87 12.42 -15.89 6.40
C GLY A 87 13.47 -15.54 5.38
N ILE A 88 13.26 -14.43 4.66
CA ILE A 88 14.22 -14.00 3.65
C ILE A 88 15.18 -12.93 4.16
N LYS A 89 16.47 -13.23 4.14
CA LYS A 89 17.49 -12.31 4.60
C LYS A 89 18.20 -11.71 3.39
N SER A 90 18.98 -10.66 3.61
CA SER A 90 19.70 -10.02 2.51
C SER A 90 20.50 -11.06 1.75
N GLY A 91 20.49 -10.95 0.42
CA GLY A 91 21.24 -11.86 -0.43
C GLY A 91 20.69 -13.27 -0.60
N GLU A 92 19.71 -13.65 0.19
CA GLU A 92 19.16 -15.01 0.06
C GLU A 92 18.27 -15.16 -1.16
N LEU A 93 17.67 -14.06 -1.62
CA LEU A 93 16.80 -14.11 -2.79
C LEU A 93 17.50 -13.52 -4.00
N THR A 94 17.28 -14.15 -5.16
CA THR A 94 17.87 -13.68 -6.41
C THR A 94 16.77 -13.46 -7.45
N LEU A 95 16.87 -12.36 -8.19
CA LEU A 95 15.91 -12.05 -9.23
C LEU A 95 16.71 -11.67 -10.47
N ASP A 96 16.12 -11.86 -11.64
CA ASP A 96 16.78 -11.49 -12.89
C ASP A 96 15.97 -10.36 -13.52
N GLY A 97 16.52 -9.77 -14.58
CA GLY A 97 15.84 -8.67 -15.24
C GLY A 97 14.42 -8.94 -15.69
N LYS A 98 14.25 -10.03 -16.42
CA LYS A 98 12.93 -10.40 -16.94
C LYS A 98 11.85 -10.52 -15.86
N THR A 99 12.12 -11.32 -14.84
CA THR A 99 11.14 -11.53 -13.77
C THR A 99 10.91 -10.29 -12.91
N LEU A 100 11.94 -9.45 -12.77
CA LEU A 100 11.78 -8.24 -11.99
C LEU A 100 10.82 -7.34 -12.76
N GLY A 101 10.98 -7.32 -14.08
CA GLY A 101 10.11 -6.52 -14.92
C GLY A 101 8.68 -7.02 -14.85
N ASP A 102 8.49 -8.34 -14.85
CA ASP A 102 7.16 -8.90 -14.77
C ASP A 102 6.51 -8.58 -13.42
N ILE A 103 7.33 -8.48 -12.38
CA ILE A 103 6.82 -8.15 -11.05
C ILE A 103 6.27 -6.72 -11.08
N TYR A 104 7.01 -5.81 -11.69
CA TYR A 104 6.57 -4.42 -11.78
C TYR A 104 5.51 -4.21 -12.85
N LEU A 105 5.32 -5.22 -13.70
CA LEU A 105 4.29 -5.16 -14.73
C LEU A 105 3.00 -5.68 -14.09
N GLY A 106 3.17 -6.35 -12.96
CA GLY A 106 2.04 -6.89 -12.23
C GLY A 106 1.59 -8.27 -12.70
N THR A 107 2.34 -8.88 -13.62
CA THR A 107 1.97 -10.21 -14.13
C THR A 107 2.46 -11.33 -13.22
N VAL A 108 3.46 -11.02 -12.38
CA VAL A 108 3.99 -11.98 -11.41
C VAL A 108 3.55 -11.33 -10.10
N LYS A 109 2.55 -11.92 -9.45
CA LYS A 109 1.98 -11.36 -8.24
C LYS A 109 2.25 -12.08 -6.93
N LYS A 110 2.90 -13.25 -6.99
CA LYS A 110 3.18 -14.00 -5.78
C LYS A 110 4.65 -14.38 -5.67
N TRP A 111 5.17 -14.35 -4.44
CA TRP A 111 6.57 -14.66 -4.20
C TRP A 111 6.95 -16.10 -4.56
N ASN A 112 5.99 -17.01 -4.52
CA ASN A 112 6.26 -18.40 -4.84
C ASN A 112 5.89 -18.69 -6.29
N ASP A 113 5.96 -17.66 -7.12
CA ASP A 113 5.66 -17.80 -8.54
C ASP A 113 6.71 -18.76 -9.12
N PRO A 114 6.32 -19.57 -10.12
CA PRO A 114 7.25 -20.51 -10.74
C PRO A 114 8.58 -19.89 -11.20
N ALA A 115 8.51 -18.67 -11.75
CA ALA A 115 9.71 -18.00 -12.23
C ALA A 115 10.67 -17.64 -11.11
N ILE A 116 10.12 -17.29 -9.95
CA ILE A 116 10.94 -16.93 -8.81
C ILE A 116 11.49 -18.21 -8.18
N VAL A 117 10.67 -19.25 -8.12
CA VAL A 117 11.10 -20.53 -7.58
C VAL A 117 12.27 -21.04 -8.41
N LYS A 118 12.14 -20.94 -9.74
CA LYS A 118 13.17 -21.39 -10.65
C LYS A 118 14.48 -20.65 -10.40
N LEU A 119 14.38 -19.36 -10.10
CA LEU A 119 15.57 -18.55 -9.83
C LEU A 119 16.11 -18.79 -8.42
N ASN A 120 15.35 -19.49 -7.58
CA ASN A 120 15.79 -19.72 -6.20
C ASN A 120 15.56 -21.14 -5.70
N PRO A 121 16.31 -22.11 -6.24
CA PRO A 121 16.15 -23.50 -5.81
C PRO A 121 16.55 -23.69 -4.35
N GLY A 122 15.73 -24.42 -3.60
CA GLY A 122 16.03 -24.65 -2.20
C GLY A 122 15.60 -23.56 -1.25
N VAL A 123 15.10 -22.45 -1.80
CA VAL A 123 14.65 -21.34 -0.98
C VAL A 123 13.16 -21.48 -0.69
N LYS A 124 12.79 -21.33 0.59
CA LYS A 124 11.40 -21.44 0.97
C LYS A 124 10.67 -20.12 0.72
N LEU A 125 9.90 -20.09 -0.36
CA LEU A 125 9.15 -18.90 -0.75
C LEU A 125 7.71 -19.03 -0.24
N PRO A 126 7.22 -18.01 0.47
CA PRO A 126 5.86 -18.02 1.00
C PRO A 126 4.77 -17.87 -0.04
N ASP A 127 3.57 -18.34 0.31
CA ASP A 127 2.42 -18.24 -0.57
C ASP A 127 1.75 -16.91 -0.27
N GLN A 128 2.43 -15.82 -0.61
CA GLN A 128 1.86 -14.49 -0.37
C GLN A 128 2.06 -13.52 -1.53
N ASN A 129 1.10 -12.62 -1.69
CA ASN A 129 1.15 -11.63 -2.75
C ASN A 129 2.28 -10.63 -2.59
N ILE A 130 2.76 -10.13 -3.71
CA ILE A 130 3.85 -9.15 -3.72
C ILE A 130 3.23 -7.75 -3.66
N ALA A 131 3.69 -6.95 -2.71
CA ALA A 131 3.18 -5.58 -2.58
C ALA A 131 4.22 -4.68 -3.23
N VAL A 132 3.96 -4.26 -4.47
CA VAL A 132 4.90 -3.44 -5.21
C VAL A 132 4.93 -1.97 -4.76
N VAL A 133 6.14 -1.45 -4.61
CA VAL A 133 6.33 -0.05 -4.21
C VAL A 133 7.22 0.67 -5.22
N ARG A 134 6.80 1.85 -5.64
CA ARG A 134 7.56 2.66 -6.58
C ARG A 134 7.58 4.10 -6.10
N ARG A 135 8.24 4.99 -6.85
CA ARG A 135 8.32 6.40 -6.45
C ARG A 135 7.12 7.23 -6.90
N ALA A 136 6.66 8.09 -6.00
CA ALA A 136 5.53 8.96 -6.32
C ALA A 136 6.02 10.26 -6.95
N ASP A 137 7.22 10.69 -6.57
CA ASP A 137 7.79 11.92 -7.08
C ASP A 137 8.70 11.76 -8.31
N GLY A 138 8.93 12.86 -9.03
CA GLY A 138 9.80 12.82 -10.18
C GLY A 138 11.13 12.34 -9.63
N SER A 139 11.59 11.19 -10.11
CA SER A 139 12.80 10.60 -9.54
C SER A 139 13.90 10.13 -10.49
N GLY A 140 15.14 10.43 -10.10
CA GLY A 140 16.29 10.00 -10.87
C GLY A 140 16.50 8.52 -10.65
N THR A 141 16.14 8.03 -9.47
CA THR A 141 16.29 6.60 -9.18
C THR A 141 15.30 5.84 -10.08
N SER A 142 14.12 6.43 -10.30
CA SER A 142 13.11 5.83 -11.17
C SER A 142 13.64 5.80 -12.60
N PHE A 143 14.31 6.87 -13.02
CA PHE A 143 14.88 6.94 -14.35
C PHE A 143 15.86 5.79 -14.57
N VAL A 144 16.73 5.57 -13.59
CA VAL A 144 17.72 4.51 -13.67
C VAL A 144 17.05 3.15 -13.67
N PHE A 145 16.13 2.96 -12.73
CA PHE A 145 15.41 1.69 -12.59
C PHE A 145 14.63 1.32 -13.85
N THR A 146 13.85 2.26 -14.38
CA THR A 146 13.05 2.00 -15.57
C THR A 146 13.90 1.88 -16.84
N SER A 147 15.04 2.59 -16.88
CA SER A 147 15.92 2.49 -18.04
C SER A 147 16.46 1.07 -18.08
N TYR A 148 16.75 0.52 -16.91
CA TYR A 148 17.24 -0.84 -16.80
C TYR A 148 16.17 -1.84 -17.19
N LEU A 149 14.97 -1.66 -16.65
CA LEU A 149 13.86 -2.56 -16.95
C LEU A 149 13.56 -2.60 -18.44
N ALA A 150 13.68 -1.46 -19.10
CA ALA A 150 13.42 -1.38 -20.53
C ALA A 150 14.43 -2.20 -21.33
N LYS A 151 15.61 -2.41 -20.75
CA LYS A 151 16.65 -3.18 -21.42
C LYS A 151 16.49 -4.69 -21.24
N VAL A 152 15.91 -5.09 -20.11
CA VAL A 152 15.76 -6.51 -19.81
C VAL A 152 14.35 -7.08 -19.93
N ASN A 153 13.36 -6.23 -20.20
CA ASN A 153 11.99 -6.71 -20.34
C ASN A 153 11.33 -6.00 -21.49
N ALA A 154 11.16 -6.72 -22.59
CA ALA A 154 10.56 -6.17 -23.81
C ALA A 154 9.16 -5.61 -23.57
N GLU A 155 8.38 -6.34 -22.79
CA GLU A 155 7.02 -5.95 -22.47
C GLU A 155 7.01 -4.63 -21.70
N TRP A 156 8.00 -4.45 -20.83
CA TRP A 156 8.08 -3.21 -20.06
C TRP A 156 8.44 -2.06 -20.96
N LYS A 157 9.41 -2.28 -21.84
CA LYS A 157 9.85 -1.23 -22.76
C LYS A 157 8.74 -0.75 -23.68
N GLU A 158 7.89 -1.68 -24.12
CA GLU A 158 6.79 -1.35 -25.02
C GLU A 158 5.64 -0.64 -24.33
N LYS A 159 5.21 -1.16 -23.19
CA LYS A 159 4.09 -0.59 -22.46
C LYS A 159 4.40 0.60 -21.54
N VAL A 160 5.50 0.53 -20.79
CA VAL A 160 5.83 1.60 -19.86
C VAL A 160 6.98 2.52 -20.27
N GLY A 161 8.06 1.93 -20.77
CA GLY A 161 9.21 2.72 -21.17
C GLY A 161 10.01 3.15 -19.97
N ALA A 162 10.75 4.24 -20.12
CA ALA A 162 11.58 4.74 -19.02
C ALA A 162 11.41 6.24 -18.86
N GLY A 163 11.74 6.74 -17.67
CA GLY A 163 11.63 8.16 -17.40
C GLY A 163 11.68 8.42 -15.91
N SER A 164 11.76 9.67 -15.51
CA SER A 164 11.80 10.02 -14.10
C SER A 164 10.40 9.85 -13.53
N THR A 165 9.44 9.74 -14.44
CA THR A 165 8.04 9.49 -14.11
C THR A 165 7.52 8.63 -15.23
N VAL A 166 6.74 7.60 -14.89
CA VAL A 166 6.16 6.73 -15.90
C VAL A 166 4.77 6.38 -15.42
N ASN A 167 3.97 5.75 -16.28
CA ASN A 167 2.65 5.34 -15.87
C ASN A 167 2.82 3.92 -15.33
N TRP A 168 2.93 3.82 -14.01
CA TRP A 168 3.13 2.53 -13.35
C TRP A 168 1.95 1.57 -13.45
N PRO A 169 2.22 0.34 -13.94
CA PRO A 169 1.17 -0.67 -14.07
C PRO A 169 0.56 -1.04 -12.72
N THR A 170 1.36 -0.94 -11.65
CA THR A 170 0.87 -1.27 -10.33
C THR A 170 1.82 -0.81 -9.23
N GLY A 171 1.37 -0.89 -7.98
CA GLY A 171 2.22 -0.51 -6.88
C GLY A 171 1.84 0.75 -6.11
N LEU A 172 2.34 0.81 -4.89
CA LEU A 172 2.10 1.94 -4.00
C LEU A 172 3.18 3.00 -4.27
N GLY A 173 2.81 4.26 -4.18
CA GLY A 173 3.77 5.33 -4.42
C GLY A 173 4.34 5.92 -3.14
N GLY A 174 5.67 5.93 -3.04
CA GLY A 174 6.33 6.48 -1.88
C GLY A 174 7.16 7.70 -2.26
N LYS A 175 7.24 8.67 -1.36
CA LYS A 175 8.01 9.89 -1.63
C LYS A 175 9.48 9.74 -1.25
N GLY A 176 10.34 9.83 -2.26
CA GLY A 176 11.78 9.75 -2.03
C GLY A 176 12.29 8.36 -1.69
N ASN A 177 13.61 8.21 -1.68
CA ASN A 177 14.21 6.92 -1.34
C ASN A 177 13.80 6.59 0.10
N ASP A 178 13.64 7.60 0.94
CA ASP A 178 13.24 7.37 2.32
C ASP A 178 11.82 6.82 2.38
N GLY A 179 10.93 7.36 1.55
CA GLY A 179 9.55 6.91 1.54
C GLY A 179 9.41 5.46 1.15
N ILE A 180 10.18 5.03 0.14
CA ILE A 180 10.11 3.64 -0.27
C ILE A 180 10.68 2.75 0.82
N ALA A 181 11.80 3.17 1.41
CA ALA A 181 12.42 2.39 2.47
C ALA A 181 11.44 2.21 3.62
N ALA A 182 10.67 3.25 3.91
CA ALA A 182 9.70 3.21 5.00
C ALA A 182 8.58 2.21 4.71
N PHE A 183 8.05 2.23 3.48
CA PHE A 183 6.99 1.31 3.12
C PHE A 183 7.44 -0.15 3.16
N VAL A 184 8.62 -0.42 2.60
CA VAL A 184 9.14 -1.79 2.61
C VAL A 184 9.29 -2.31 4.02
N GLN A 185 9.79 -1.45 4.89
CA GLN A 185 10.01 -1.78 6.28
C GLN A 185 8.69 -2.10 6.98
N ARG A 186 7.62 -1.43 6.56
CA ARG A 186 6.31 -1.60 7.18
C ARG A 186 5.33 -2.56 6.49
N LEU A 187 5.55 -2.87 5.22
CA LEU A 187 4.64 -3.75 4.48
C LEU A 187 5.12 -5.17 4.18
N PRO A 188 4.51 -6.18 4.82
CA PRO A 188 4.91 -7.57 4.56
C PRO A 188 4.70 -7.95 3.10
N GLY A 189 5.68 -8.65 2.53
CA GLY A 189 5.57 -9.09 1.14
C GLY A 189 5.88 -7.99 0.14
N SER A 190 6.40 -6.86 0.60
CA SER A 190 6.70 -5.75 -0.28
C SER A 190 8.07 -5.81 -0.96
N ILE A 191 8.17 -5.05 -2.05
CA ILE A 191 9.41 -4.92 -2.80
C ILE A 191 9.45 -3.48 -3.26
N GLY A 192 10.62 -2.85 -3.14
CA GLY A 192 10.75 -1.47 -3.56
C GLY A 192 12.19 -1.20 -3.96
N TYR A 193 12.39 -0.35 -4.96
CA TYR A 193 13.74 -0.04 -5.40
C TYR A 193 14.25 1.21 -4.70
N VAL A 194 15.48 1.15 -4.21
CA VAL A 194 16.12 2.26 -3.51
C VAL A 194 17.63 2.22 -3.74
N GLU A 195 18.28 3.37 -3.64
CA GLU A 195 19.73 3.44 -3.78
C GLU A 195 20.25 2.60 -2.60
N TYR A 196 21.30 1.83 -2.83
CA TYR A 196 21.86 0.92 -1.83
C TYR A 196 21.97 1.43 -0.39
N ALA A 197 22.49 2.63 -0.19
CA ALA A 197 22.64 3.18 1.15
C ALA A 197 21.34 3.16 1.97
N TYR A 198 20.22 3.38 1.30
CA TYR A 198 18.93 3.40 1.99
C TYR A 198 18.50 2.03 2.52
N ALA A 199 18.92 0.97 1.83
CA ALA A 199 18.59 -0.37 2.29
C ALA A 199 19.49 -0.68 3.47
N LYS A 200 20.77 -0.34 3.33
CA LYS A 200 21.75 -0.59 4.38
C LYS A 200 21.50 0.20 5.67
N GLN A 201 21.36 1.52 5.56
CA GLN A 201 21.14 2.34 6.74
C GLN A 201 19.83 2.03 7.47
N ASN A 202 18.91 1.36 6.79
CA ASN A 202 17.62 1.02 7.40
C ASN A 202 17.51 -0.47 7.69
N ASN A 203 18.62 -1.18 7.52
CA ASN A 203 18.65 -2.62 7.78
C ASN A 203 17.61 -3.38 6.98
N LEU A 204 17.39 -2.98 5.73
CA LEU A 204 16.43 -3.63 4.87
C LEU A 204 17.11 -4.77 4.11
N ALA A 205 16.41 -5.89 3.95
CA ALA A 205 16.97 -7.02 3.22
C ALA A 205 16.86 -6.71 1.73
N TYR A 206 17.93 -6.93 0.97
CA TYR A 206 17.90 -6.68 -0.47
C TYR A 206 18.19 -7.97 -1.21
N THR A 207 17.91 -8.00 -2.51
CA THR A 207 18.15 -9.21 -3.28
C THR A 207 19.43 -9.13 -4.10
N LYS A 208 19.84 -10.28 -4.63
CA LYS A 208 20.99 -10.31 -5.51
C LYS A 208 20.31 -10.19 -6.87
N LEU A 209 21.09 -9.88 -7.90
CA LEU A 209 20.53 -9.76 -9.24
C LEU A 209 21.42 -10.52 -10.21
N ILE A 210 20.88 -10.79 -11.39
CA ILE A 210 21.62 -11.47 -12.43
C ILE A 210 22.25 -10.39 -13.32
N SER A 211 23.57 -10.41 -13.43
CA SER A 211 24.29 -9.44 -14.24
C SER A 211 23.97 -9.64 -15.71
N ALA A 212 24.47 -8.74 -16.56
CA ALA A 212 24.25 -8.84 -17.99
C ALA A 212 24.93 -10.10 -18.54
N ASP A 213 25.98 -10.55 -17.85
CA ASP A 213 26.72 -11.74 -18.26
C ASP A 213 25.99 -12.99 -17.81
N GLY A 214 24.88 -12.80 -17.10
CA GLY A 214 24.08 -13.91 -16.64
C GLY A 214 24.52 -14.57 -15.35
N LYS A 215 25.31 -13.87 -14.54
CA LYS A 215 25.77 -14.44 -13.28
C LYS A 215 25.20 -13.70 -12.07
N PRO A 216 24.93 -14.42 -10.99
CA PRO A 216 24.37 -13.78 -9.79
C PRO A 216 25.39 -12.87 -9.14
N VAL A 217 24.98 -11.65 -8.79
CA VAL A 217 25.88 -10.68 -8.18
C VAL A 217 25.23 -9.98 -6.99
N SER A 218 26.07 -9.46 -6.09
CA SER A 218 25.61 -8.75 -4.91
C SER A 218 25.97 -7.27 -5.06
N PRO A 219 25.17 -6.38 -4.46
CA PRO A 219 25.47 -4.94 -4.56
C PRO A 219 26.56 -4.55 -3.58
N THR A 220 27.67 -4.03 -4.13
CA THR A 220 28.78 -3.58 -3.30
C THR A 220 29.48 -2.47 -4.04
N GLU A 221 30.39 -1.78 -3.36
CA GLU A 221 31.14 -0.70 -3.97
C GLU A 221 31.87 -1.23 -5.19
N HIS A 222 32.28 -2.50 -5.12
CA HIS A 222 32.99 -3.12 -6.23
C HIS A 222 32.09 -3.45 -7.42
N SER A 223 30.90 -4.00 -7.15
CA SER A 223 30.00 -4.34 -8.25
C SER A 223 29.46 -3.07 -8.91
N PHE A 224 29.42 -1.96 -8.16
CA PHE A 224 28.95 -0.70 -8.73
C PHE A 224 30.09 -0.14 -9.58
N SER A 225 31.27 -0.09 -8.99
CA SER A 225 32.46 0.42 -9.67
C SER A 225 32.74 -0.35 -10.97
N SER A 226 32.54 -1.67 -10.93
CA SER A 226 32.79 -2.53 -12.08
C SER A 226 31.93 -2.17 -13.30
N ALA A 227 30.76 -1.60 -13.07
CA ALA A 227 29.89 -1.22 -14.18
C ALA A 227 30.54 -0.14 -15.04
N ALA A 228 31.39 0.68 -14.43
CA ALA A 228 32.05 1.75 -15.16
C ALA A 228 33.41 1.34 -15.72
N LYS A 229 33.80 0.10 -15.51
CA LYS A 229 35.08 -0.38 -16.01
C LYS A 229 35.13 -0.29 -17.53
N GLY A 230 36.15 0.38 -18.05
CA GLY A 230 36.31 0.51 -19.49
C GLY A 230 35.44 1.57 -20.12
N VAL A 231 34.62 2.26 -19.32
CA VAL A 231 33.75 3.29 -19.88
C VAL A 231 34.53 4.55 -20.26
N ASP A 232 34.18 5.11 -21.42
CA ASP A 232 34.82 6.33 -21.92
C ASP A 232 33.91 7.53 -21.62
N TRP A 233 34.42 8.44 -20.78
CA TRP A 233 33.67 9.64 -20.40
C TRP A 233 34.16 10.87 -21.16
N SER A 234 35.21 10.71 -21.97
CA SER A 234 35.80 11.82 -22.70
C SER A 234 34.87 12.59 -23.62
N LYS A 235 33.85 11.92 -24.14
CA LYS A 235 32.93 12.57 -25.07
C LYS A 235 31.63 13.09 -24.45
N SER A 236 31.20 12.47 -23.36
CA SER A 236 29.97 12.89 -22.69
C SER A 236 29.89 12.36 -21.26
N PHE A 237 29.56 13.25 -20.32
CA PHE A 237 29.44 12.85 -18.91
C PHE A 237 28.19 12.00 -18.67
N ALA A 238 27.22 12.09 -19.58
CA ALA A 238 25.97 11.35 -19.44
C ALA A 238 26.10 9.87 -19.84
N GLN A 239 26.90 9.14 -19.10
CA GLN A 239 27.12 7.72 -19.39
C GLN A 239 26.08 6.81 -18.72
N ASP A 240 25.54 5.88 -19.48
CA ASP A 240 24.57 4.93 -18.99
C ASP A 240 25.33 3.72 -18.42
N LEU A 241 25.07 3.39 -17.16
CA LEU A 241 25.78 2.28 -16.53
C LEU A 241 24.88 1.11 -16.19
N THR A 242 23.74 1.01 -16.87
CA THR A 242 22.80 -0.08 -16.62
C THR A 242 23.09 -1.33 -17.44
N ASN A 243 22.93 -2.48 -16.81
CA ASN A 243 23.15 -3.79 -17.43
C ASN A 243 24.44 -3.87 -18.25
N GLN A 244 25.56 -3.53 -17.61
CA GLN A 244 26.86 -3.56 -18.29
C GLN A 244 27.49 -4.95 -18.20
N LYS A 245 28.15 -5.36 -19.27
CA LYS A 245 28.79 -6.67 -19.31
C LYS A 245 30.10 -6.69 -18.54
N GLY A 246 30.47 -7.87 -18.05
CA GLY A 246 31.70 -7.99 -17.29
C GLY A 246 31.52 -8.73 -15.97
N ASP A 247 32.64 -9.16 -15.38
CA ASP A 247 32.60 -9.87 -14.12
C ASP A 247 32.11 -8.97 -12.99
N ASP A 248 31.31 -9.55 -12.11
CA ASP A 248 30.77 -8.85 -10.94
C ASP A 248 30.22 -7.46 -11.22
N VAL A 249 29.46 -7.30 -12.29
CA VAL A 249 28.89 -6.00 -12.61
C VAL A 249 27.45 -5.89 -12.11
N TRP A 250 27.19 -4.96 -11.19
CA TRP A 250 25.84 -4.77 -10.68
C TRP A 250 25.05 -4.15 -11.84
N PRO A 251 23.97 -4.83 -12.28
CA PRO A 251 23.12 -4.37 -13.39
C PRO A 251 22.39 -3.03 -13.26
N ILE A 252 22.02 -2.61 -12.05
CA ILE A 252 21.30 -1.34 -11.92
C ILE A 252 22.18 -0.29 -11.24
N THR A 253 23.20 0.14 -11.97
CA THR A 253 24.16 1.11 -11.47
C THR A 253 24.05 2.43 -12.22
N SER A 254 24.47 3.52 -11.57
CA SER A 254 24.41 4.83 -12.19
C SER A 254 25.22 5.87 -11.44
N THR A 255 25.61 6.93 -12.16
CA THR A 255 26.33 8.01 -11.52
C THR A 255 25.24 9.03 -11.24
N THR A 256 25.61 10.19 -10.72
CA THR A 256 24.62 11.22 -10.42
C THR A 256 25.23 12.58 -10.70
N PHE A 257 24.41 13.55 -11.09
CA PHE A 257 24.91 14.87 -11.45
C PHE A 257 24.53 16.08 -10.63
N ILE A 258 25.39 17.10 -10.73
CA ILE A 258 25.20 18.38 -10.07
C ILE A 258 25.00 19.41 -11.17
N LEU A 259 24.01 20.27 -10.99
CA LEU A 259 23.71 21.29 -11.99
C LEU A 259 23.97 22.69 -11.44
N VAL A 260 24.70 23.49 -12.21
CA VAL A 260 24.99 24.86 -11.83
C VAL A 260 24.86 25.74 -13.07
N HIS A 261 24.66 27.03 -12.86
CA HIS A 261 24.52 27.97 -13.97
C HIS A 261 25.89 28.31 -14.53
N LYS A 262 25.98 28.40 -15.86
CA LYS A 262 27.23 28.74 -16.51
C LYS A 262 27.62 30.17 -16.12
N GLU A 263 26.61 31.01 -15.91
CA GLU A 263 26.86 32.39 -15.48
C GLU A 263 26.36 32.49 -14.04
N GLN A 264 27.30 32.73 -13.12
CA GLN A 264 26.98 32.82 -11.71
C GLN A 264 26.70 34.25 -11.26
N LYS A 265 25.44 34.55 -10.98
CA LYS A 265 25.06 35.88 -10.53
C LYS A 265 25.79 36.21 -9.23
N ASN A 266 25.98 35.19 -8.40
CA ASN A 266 26.69 35.35 -7.13
C ASN A 266 28.01 34.60 -7.28
N ALA A 267 29.05 35.32 -7.69
CA ALA A 267 30.37 34.75 -7.91
C ALA A 267 30.92 33.97 -6.72
N ALA A 268 30.86 34.56 -5.53
CA ALA A 268 31.36 33.90 -4.32
C ALA A 268 30.69 32.54 -4.11
N ASN A 269 29.36 32.53 -4.11
CA ASN A 269 28.63 31.28 -3.91
C ASN A 269 29.02 30.24 -4.95
N GLY A 270 29.10 30.66 -6.21
CA GLY A 270 29.48 29.74 -7.26
C GLY A 270 30.85 29.13 -7.02
N THR A 271 31.80 29.97 -6.62
CA THR A 271 33.15 29.50 -6.35
C THR A 271 33.17 28.51 -5.19
N GLU A 272 32.39 28.80 -4.16
CA GLU A 272 32.32 27.92 -2.99
C GLU A 272 31.63 26.60 -3.31
N VAL A 273 30.68 26.62 -4.24
CA VAL A 273 29.98 25.39 -4.63
C VAL A 273 30.99 24.45 -5.26
N LEU A 274 31.79 24.96 -6.20
CA LEU A 274 32.77 24.13 -6.87
C LEU A 274 33.86 23.65 -5.93
N LYS A 275 34.22 24.47 -4.95
CA LYS A 275 35.25 24.08 -3.98
C LYS A 275 34.77 22.92 -3.12
N PHE A 276 33.47 22.90 -2.82
CA PHE A 276 32.90 21.82 -2.01
C PHE A 276 33.00 20.49 -2.76
N PHE A 277 32.54 20.48 -4.01
CA PHE A 277 32.60 19.27 -4.79
C PHE A 277 34.04 18.91 -5.17
N ASP A 278 34.92 19.90 -5.25
CA ASP A 278 36.30 19.59 -5.57
C ASP A 278 36.87 18.88 -4.34
N TRP A 279 36.42 19.28 -3.16
CA TRP A 279 36.85 18.65 -1.91
C TRP A 279 36.38 17.20 -1.92
N GLY A 280 35.16 16.98 -2.39
CA GLY A 280 34.62 15.64 -2.45
C GLY A 280 35.46 14.72 -3.31
N TYR A 281 35.93 15.24 -4.45
CA TYR A 281 36.76 14.46 -5.35
C TYR A 281 38.13 14.15 -4.74
N THR A 282 38.72 15.17 -4.12
CA THR A 282 40.05 15.06 -3.55
C THR A 282 40.15 14.40 -2.17
N HIS A 283 39.22 14.71 -1.27
CA HIS A 283 39.27 14.16 0.07
C HIS A 283 38.07 13.32 0.52
N GLY A 284 37.04 13.21 -0.32
CA GLY A 284 35.86 12.45 0.07
C GLY A 284 35.74 11.00 -0.33
N ALA A 285 36.76 10.46 -0.99
CA ALA A 285 36.71 9.08 -1.45
C ALA A 285 36.43 8.06 -0.35
N LYS A 286 37.17 8.14 0.75
CA LYS A 286 36.99 7.20 1.84
C LYS A 286 35.57 7.23 2.42
N GLN A 287 35.03 8.44 2.61
CA GLN A 287 33.68 8.58 3.17
C GLN A 287 32.61 8.12 2.18
N ALA A 288 32.89 8.28 0.90
CA ALA A 288 31.94 7.84 -0.14
C ALA A 288 31.92 6.31 -0.14
N ASN A 289 33.10 5.71 -0.07
CA ASN A 289 33.21 4.26 -0.07
C ASN A 289 32.59 3.67 1.20
N GLU A 290 32.71 4.40 2.30
CA GLU A 290 32.14 3.93 3.55
C GLU A 290 30.63 3.79 3.38
N LEU A 291 30.05 4.70 2.60
CA LEU A 291 28.61 4.67 2.34
C LEU A 291 28.28 3.83 1.10
N ASP A 292 29.27 3.08 0.65
CA ASP A 292 29.12 2.19 -0.50
C ASP A 292 28.88 2.84 -1.86
N TYR A 293 29.48 4.01 -2.06
CA TYR A 293 29.40 4.71 -3.33
C TYR A 293 30.78 4.58 -3.94
N ALA A 294 30.85 4.30 -5.24
CA ALA A 294 32.13 4.18 -5.92
C ALA A 294 32.48 5.58 -6.38
N THR A 295 33.77 5.85 -6.55
CA THR A 295 34.22 7.18 -6.97
C THR A 295 34.48 7.23 -8.47
N LEU A 296 34.48 8.44 -9.03
CA LEU A 296 34.77 8.62 -10.45
C LEU A 296 36.26 8.47 -10.68
N PRO A 297 36.66 7.97 -11.86
CA PRO A 297 38.08 7.82 -12.15
C PRO A 297 38.75 9.19 -12.06
N ALA A 298 39.98 9.23 -11.54
CA ALA A 298 40.70 10.49 -11.40
C ALA A 298 40.77 11.20 -12.74
N GLU A 299 40.88 10.41 -13.80
CA GLU A 299 40.95 10.93 -15.16
C GLU A 299 39.73 11.80 -15.47
N VAL A 300 38.54 11.33 -15.10
CA VAL A 300 37.30 12.06 -15.33
C VAL A 300 37.21 13.29 -14.42
N VAL A 301 37.73 13.17 -13.19
CA VAL A 301 37.71 14.28 -12.26
C VAL A 301 38.49 15.46 -12.86
N GLU A 302 39.63 15.18 -13.48
CA GLU A 302 40.43 16.24 -14.08
C GLU A 302 39.65 16.85 -15.25
N GLN A 303 38.87 16.01 -15.93
CA GLN A 303 38.07 16.46 -17.07
C GLN A 303 37.00 17.43 -16.57
N VAL A 304 36.41 17.12 -15.43
CA VAL A 304 35.38 17.98 -14.85
C VAL A 304 36.00 19.32 -14.46
N ARG A 305 37.15 19.28 -13.81
CA ARG A 305 37.86 20.50 -13.40
C ARG A 305 38.19 21.41 -14.57
N ALA A 306 38.65 20.80 -15.67
CA ALA A 306 39.01 21.56 -16.85
C ALA A 306 37.75 22.24 -17.39
N ALA A 307 36.63 21.53 -17.31
CA ALA A 307 35.35 22.06 -17.78
C ALA A 307 34.88 23.22 -16.90
N TRP A 308 35.16 23.14 -15.60
CA TRP A 308 34.74 24.21 -14.70
C TRP A 308 35.47 25.51 -15.08
N LYS A 309 36.74 25.36 -15.43
CA LYS A 309 37.59 26.50 -15.78
C LYS A 309 37.14 27.30 -16.99
N THR A 310 36.45 26.67 -17.94
CA THR A 310 36.02 27.37 -19.14
C THR A 310 34.52 27.58 -19.27
N GLN A 311 33.73 26.79 -18.55
CA GLN A 311 32.29 26.89 -18.66
C GLN A 311 31.57 27.70 -17.59
N ILE A 312 32.22 27.92 -16.45
CA ILE A 312 31.59 28.67 -15.36
C ILE A 312 32.24 30.03 -15.18
N LYS A 313 31.43 31.09 -15.28
CA LYS A 313 31.94 32.45 -15.13
C LYS A 313 30.96 33.34 -14.38
N ASP A 314 31.44 34.48 -13.90
CA ASP A 314 30.57 35.42 -13.19
C ASP A 314 29.82 36.29 -14.18
N SER A 315 29.08 37.27 -13.68
CA SER A 315 28.30 38.15 -14.53
C SER A 315 29.15 39.02 -15.46
N SER A 316 30.42 39.22 -15.11
CA SER A 316 31.31 40.02 -15.94
C SER A 316 32.13 39.15 -16.89
N GLY A 317 31.73 37.89 -17.02
CA GLY A 317 32.43 36.98 -17.92
C GLY A 317 33.76 36.41 -17.45
N LYS A 318 34.11 36.63 -16.18
CA LYS A 318 35.37 36.11 -15.66
C LYS A 318 35.18 34.76 -14.95
N PRO A 319 36.15 33.86 -15.07
CA PRO A 319 36.11 32.52 -14.45
C PRO A 319 35.96 32.61 -12.94
N ILE A 320 35.25 31.64 -12.35
CA ILE A 320 35.06 31.64 -10.89
C ILE A 320 35.86 30.53 -10.23
N PHE A 321 36.48 29.69 -11.07
CA PHE A 321 37.29 28.57 -10.57
C PHE A 321 38.70 28.63 -11.13
N GLU B 1 -11.18 16.38 24.09
CA GLU B 1 -10.80 17.26 22.95
C GLU B 1 -11.86 17.26 21.86
N ALA B 2 -11.66 16.44 20.84
CA ALA B 2 -12.63 16.34 19.74
C ALA B 2 -13.85 15.57 20.22
N SER B 3 -15.04 15.89 19.71
CA SER B 3 -16.28 15.21 20.09
C SER B 3 -17.02 14.94 18.77
N LEU B 4 -16.98 13.69 18.32
CA LEU B 4 -17.56 13.31 17.04
C LEU B 4 -18.73 12.35 17.14
N THR B 5 -19.55 12.33 16.10
CA THR B 5 -20.70 11.44 16.05
C THR B 5 -20.70 10.71 14.71
N GLY B 6 -20.96 9.41 14.77
CA GLY B 6 -21.03 8.60 13.57
C GLY B 6 -22.25 7.72 13.73
N ALA B 7 -22.79 7.21 12.63
CA ALA B 7 -23.97 6.35 12.73
C ALA B 7 -24.10 5.43 11.53
N GLY B 8 -24.74 4.28 11.75
CA GLY B 8 -24.94 3.34 10.68
C GLY B 8 -24.86 1.88 11.07
N ALA B 9 -24.21 1.10 10.20
CA ALA B 9 -24.04 -0.34 10.37
C ALA B 9 -23.77 -0.84 11.79
N THR B 10 -24.50 -1.87 12.19
CA THR B 10 -24.31 -2.49 13.49
C THR B 10 -23.31 -3.64 13.34
N PHE B 11 -23.11 -4.08 12.09
CA PHE B 11 -22.17 -5.16 11.76
C PHE B 11 -20.80 -4.92 12.41
N PRO B 12 -20.25 -3.70 12.30
CA PRO B 12 -18.94 -3.43 12.90
C PRO B 12 -19.02 -2.69 14.24
N ALA B 13 -20.23 -2.44 14.73
CA ALA B 13 -20.42 -1.70 15.98
C ALA B 13 -19.56 -2.13 17.16
N PRO B 14 -19.46 -3.44 17.43
CA PRO B 14 -18.64 -3.88 18.56
C PRO B 14 -17.19 -3.41 18.50
N VAL B 15 -16.56 -3.47 17.33
CA VAL B 15 -15.18 -3.02 17.23
C VAL B 15 -15.06 -1.50 17.21
N TYR B 16 -15.99 -0.81 16.58
CA TYR B 16 -15.94 0.66 16.57
C TYR B 16 -16.08 1.19 17.99
N ALA B 17 -16.93 0.55 18.79
CA ALA B 17 -17.17 0.96 20.17
C ALA B 17 -15.94 0.70 21.03
N LYS B 18 -15.29 -0.44 20.81
CA LYS B 18 -14.10 -0.80 21.56
C LYS B 18 -12.99 0.19 21.20
N TRP B 19 -12.80 0.44 19.91
CA TRP B 19 -11.80 1.38 19.45
C TRP B 19 -12.04 2.76 20.07
N ALA B 20 -13.30 3.22 19.99
CA ALA B 20 -13.65 4.52 20.54
C ALA B 20 -13.26 4.63 22.02
N ASP B 21 -13.51 3.56 22.77
CA ASP B 21 -13.19 3.53 24.20
C ASP B 21 -11.69 3.69 24.43
N SER B 22 -10.90 2.88 23.74
CA SER B 22 -9.44 2.93 23.88
C SER B 22 -8.89 4.27 23.40
N TYR B 23 -9.41 4.74 22.26
CA TYR B 23 -8.97 6.01 21.68
C TYR B 23 -9.20 7.18 22.63
N GLN B 24 -10.35 7.17 23.31
CA GLN B 24 -10.69 8.23 24.24
C GLN B 24 -9.76 8.21 25.44
N LYS B 25 -9.46 7.01 25.93
CA LYS B 25 -8.57 6.88 27.08
C LYS B 25 -7.15 7.31 26.73
N GLU B 26 -6.76 7.07 25.50
CA GLU B 26 -5.42 7.39 25.03
C GLU B 26 -5.22 8.82 24.53
N THR B 27 -6.26 9.40 23.92
CA THR B 27 -6.14 10.74 23.35
C THR B 27 -7.11 11.77 23.89
N GLY B 28 -8.20 11.32 24.50
CA GLY B 28 -9.19 12.25 25.03
C GLY B 28 -10.30 12.50 24.01
N ASN B 29 -10.04 12.17 22.75
CA ASN B 29 -11.03 12.37 21.70
C ASN B 29 -12.21 11.42 21.95
N LYS B 30 -13.42 11.94 21.80
CA LYS B 30 -14.62 11.15 22.02
C LYS B 30 -15.39 10.89 20.74
N ILE B 31 -15.58 9.62 20.41
CA ILE B 31 -16.32 9.23 19.23
C ILE B 31 -17.57 8.52 19.69
N ASN B 32 -18.73 9.09 19.38
CA ASN B 32 -20.00 8.49 19.75
C ASN B 32 -20.60 7.85 18.51
N TYR B 33 -20.73 6.53 18.54
CA TYR B 33 -21.28 5.79 17.42
C TYR B 33 -22.68 5.24 17.70
N GLN B 34 -23.58 5.42 16.75
CA GLN B 34 -24.95 4.94 16.89
C GLN B 34 -25.27 3.86 15.87
N GLY B 35 -25.54 2.66 16.36
CA GLY B 35 -25.87 1.54 15.47
C GLY B 35 -27.33 1.57 15.08
N ILE B 36 -27.61 2.14 13.92
CA ILE B 36 -28.99 2.25 13.43
C ILE B 36 -29.22 1.50 12.11
N GLY B 37 -28.19 0.81 11.64
CA GLY B 37 -28.30 0.08 10.38
C GLY B 37 -27.65 0.89 9.26
N SER B 38 -27.13 0.21 8.24
CA SER B 38 -26.44 0.88 7.14
C SER B 38 -27.32 1.86 6.36
N SER B 39 -28.56 1.48 6.09
CA SER B 39 -29.45 2.36 5.35
C SER B 39 -29.64 3.67 6.08
N GLY B 40 -29.84 3.61 7.40
CA GLY B 40 -30.01 4.83 8.17
C GLY B 40 -28.73 5.64 8.24
N GLY B 41 -27.60 4.95 8.32
CA GLY B 41 -26.32 5.63 8.36
C GLY B 41 -26.08 6.48 7.14
N VAL B 42 -26.42 5.94 5.97
CA VAL B 42 -26.25 6.66 4.70
C VAL B 42 -27.12 7.91 4.68
N LYS B 43 -28.37 7.76 5.10
CA LYS B 43 -29.30 8.88 5.14
C LYS B 43 -28.79 9.99 6.05
N GLN B 44 -28.29 9.61 7.22
CA GLN B 44 -27.79 10.59 8.17
C GLN B 44 -26.55 11.34 7.72
N ILE B 45 -25.63 10.67 7.03
CA ILE B 45 -24.44 11.37 6.57
C ILE B 45 -24.84 12.30 5.42
N ILE B 46 -25.80 11.86 4.60
CA ILE B 46 -26.25 12.70 3.49
C ILE B 46 -26.99 13.93 4.02
N ALA B 47 -27.71 13.76 5.12
CA ALA B 47 -28.44 14.85 5.74
C ALA B 47 -27.51 15.70 6.60
N ASN B 48 -26.25 15.28 6.69
CA ASN B 48 -25.25 15.98 7.47
C ASN B 48 -25.62 16.03 8.94
N THR B 49 -26.21 14.94 9.44
CA THR B 49 -26.64 14.84 10.83
C THR B 49 -25.50 14.33 11.72
N VAL B 50 -24.52 13.69 11.10
CA VAL B 50 -23.37 13.14 11.82
C VAL B 50 -22.07 13.53 11.12
N ASP B 51 -20.95 13.23 11.76
CA ASP B 51 -19.65 13.53 11.18
C ASP B 51 -19.22 12.48 10.16
N PHE B 52 -19.72 11.26 10.32
CA PHE B 52 -19.43 10.19 9.36
C PHE B 52 -20.53 9.13 9.38
N GLY B 53 -20.73 8.48 8.23
CA GLY B 53 -21.73 7.44 8.12
C GLY B 53 -21.03 6.10 7.99
N ALA B 54 -21.73 5.01 8.24
CA ALA B 54 -21.15 3.67 8.14
C ALA B 54 -22.16 2.71 7.50
N SER B 55 -21.70 1.96 6.50
CA SER B 55 -22.56 1.02 5.77
C SER B 55 -21.74 -0.16 5.28
N ASP B 56 -22.30 -1.37 5.40
CA ASP B 56 -21.62 -2.58 4.96
C ASP B 56 -21.85 -2.76 3.46
N ALA B 57 -22.90 -2.12 2.95
CA ALA B 57 -23.22 -2.18 1.53
C ALA B 57 -22.57 -0.95 0.90
N PRO B 58 -21.72 -1.17 -0.11
CA PRO B 58 -21.06 -0.01 -0.75
C PRO B 58 -22.02 0.79 -1.62
N LEU B 59 -21.72 2.06 -1.81
CA LEU B 59 -22.55 2.91 -2.68
C LEU B 59 -21.82 2.94 -4.01
N THR B 60 -22.55 3.13 -5.10
CA THR B 60 -21.94 3.19 -6.42
C THR B 60 -21.10 4.45 -6.54
N ASP B 61 -20.12 4.42 -7.45
CA ASP B 61 -19.27 5.58 -7.67
C ASP B 61 -20.14 6.76 -8.10
N GLU B 62 -21.20 6.47 -8.85
CA GLU B 62 -22.10 7.51 -9.31
C GLU B 62 -22.85 8.18 -8.16
N LYS B 63 -23.37 7.40 -7.22
CA LYS B 63 -24.10 8.00 -6.10
C LYS B 63 -23.13 8.75 -5.20
N LEU B 64 -21.94 8.19 -5.03
CA LEU B 64 -20.93 8.84 -4.22
C LEU B 64 -20.57 10.20 -4.80
N ALA B 65 -20.43 10.25 -6.12
CA ALA B 65 -20.10 11.51 -6.79
C ALA B 65 -21.23 12.53 -6.65
N THR B 66 -22.46 12.08 -6.86
CA THR B 66 -23.63 12.93 -6.75
C THR B 66 -23.75 13.54 -5.34
N GLU B 67 -23.49 12.73 -4.31
CA GLU B 67 -23.60 13.20 -2.94
C GLU B 67 -22.31 13.81 -2.39
N GLY B 68 -21.27 13.84 -3.21
CA GLY B 68 -20.00 14.39 -2.76
C GLY B 68 -19.42 13.62 -1.59
N LEU B 69 -19.55 12.30 -1.64
CA LEU B 69 -19.04 11.43 -0.57
C LEU B 69 -17.85 10.60 -1.00
N PHE B 70 -17.03 10.21 -0.01
CA PHE B 70 -15.87 9.37 -0.24
C PHE B 70 -16.06 8.15 0.66
N GLN B 71 -15.83 6.97 0.11
CA GLN B 71 -16.05 5.74 0.86
C GLN B 71 -14.80 4.88 1.03
N PHE B 72 -14.56 4.40 2.25
CA PHE B 72 -13.41 3.53 2.50
C PHE B 72 -13.70 2.41 3.49
N PRO B 73 -13.08 1.24 3.29
CA PRO B 73 -13.26 0.07 4.14
C PRO B 73 -12.41 0.14 5.41
N THR B 74 -12.88 -0.48 6.48
CA THR B 74 -12.15 -0.45 7.75
C THR B 74 -11.67 -1.82 8.24
N VAL B 75 -12.61 -2.75 8.41
CA VAL B 75 -12.28 -4.08 8.88
C VAL B 75 -13.04 -5.12 8.08
N ILE B 76 -12.75 -6.39 8.34
CA ILE B 76 -13.41 -7.49 7.65
C ILE B 76 -14.07 -8.41 8.67
N GLY B 77 -15.36 -8.64 8.49
CA GLY B 77 -16.09 -9.52 9.40
C GLY B 77 -16.77 -10.62 8.63
N GLY B 78 -17.59 -11.40 9.33
CA GLY B 78 -18.29 -12.49 8.68
C GLY B 78 -19.70 -12.65 9.23
N VAL B 79 -20.61 -13.12 8.39
CA VAL B 79 -22.00 -13.33 8.78
C VAL B 79 -22.20 -14.81 9.09
N VAL B 80 -22.77 -15.10 10.25
CA VAL B 80 -22.99 -16.48 10.66
C VAL B 80 -24.47 -16.72 10.92
N LEU B 81 -24.85 -17.98 11.01
CA LEU B 81 -26.22 -18.32 11.28
C LEU B 81 -26.27 -18.81 12.72
N ALA B 82 -26.87 -18.01 13.59
CA ALA B 82 -27.00 -18.37 14.99
C ALA B 82 -28.26 -19.23 15.07
N VAL B 83 -28.18 -20.32 15.81
CA VAL B 83 -29.33 -21.20 15.93
C VAL B 83 -29.64 -21.54 17.37
N ASN B 84 -30.90 -21.86 17.63
CA ASN B 84 -31.34 -22.24 18.97
C ASN B 84 -31.99 -23.60 18.78
N ILE B 85 -31.18 -24.65 18.87
CA ILE B 85 -31.68 -26.01 18.68
C ILE B 85 -31.34 -26.91 19.87
N PRO B 86 -32.36 -27.49 20.51
CA PRO B 86 -32.17 -28.37 21.67
C PRO B 86 -31.03 -29.37 21.49
N GLY B 87 -30.02 -29.25 22.34
CA GLY B 87 -28.90 -30.17 22.27
C GLY B 87 -28.06 -29.99 21.03
N ILE B 88 -27.57 -28.77 20.81
CA ILE B 88 -26.73 -28.46 19.68
C ILE B 88 -25.86 -27.28 20.05
N LYS B 89 -24.55 -27.51 20.09
CA LYS B 89 -23.62 -26.46 20.46
C LYS B 89 -23.03 -25.86 19.19
N SER B 90 -22.32 -24.74 19.34
CA SER B 90 -21.71 -24.08 18.19
C SER B 90 -20.84 -25.07 17.40
N GLY B 91 -20.90 -24.95 16.08
CA GLY B 91 -20.12 -25.80 15.21
C GLY B 91 -20.61 -27.21 14.97
N GLU B 92 -21.55 -27.67 15.78
CA GLU B 92 -22.06 -29.04 15.62
C GLU B 92 -22.91 -29.23 14.37
N LEU B 93 -23.56 -28.16 13.92
CA LEU B 93 -24.41 -28.24 12.75
C LEU B 93 -23.75 -27.59 11.55
N THR B 94 -23.90 -28.20 10.39
CA THR B 94 -23.34 -27.67 9.16
C THR B 94 -24.45 -27.48 8.14
N LEU B 95 -24.36 -26.41 7.36
CA LEU B 95 -25.34 -26.12 6.32
C LEU B 95 -24.57 -25.68 5.09
N ASP B 96 -25.15 -25.87 3.91
CA ASP B 96 -24.50 -25.41 2.68
C ASP B 96 -25.38 -24.31 2.10
N GLY B 97 -24.88 -23.62 1.07
CA GLY B 97 -25.63 -22.53 0.48
C GLY B 97 -27.03 -22.90 0.01
N LYS B 98 -27.10 -23.98 -0.76
CA LYS B 98 -28.36 -24.47 -1.30
C LYS B 98 -29.45 -24.63 -0.23
N THR B 99 -29.18 -25.44 0.77
CA THR B 99 -30.14 -25.68 1.82
C THR B 99 -30.43 -24.46 2.68
N LEU B 100 -29.40 -23.67 2.96
CA LEU B 100 -29.61 -22.45 3.75
C LEU B 100 -30.63 -21.61 2.97
N GLY B 101 -30.44 -21.55 1.65
CA GLY B 101 -31.35 -20.80 0.82
C GLY B 101 -32.76 -21.36 0.89
N ASP B 102 -32.88 -22.68 0.84
CA ASP B 102 -34.20 -23.30 0.91
C ASP B 102 -34.87 -23.04 2.26
N ILE B 103 -34.06 -22.88 3.30
CA ILE B 103 -34.59 -22.59 4.62
C ILE B 103 -35.20 -21.19 4.61
N TYR B 104 -34.46 -20.21 4.06
CA TYR B 104 -34.97 -18.87 4.01
C TYR B 104 -36.09 -18.71 2.97
N LEU B 105 -36.13 -19.62 2.01
CA LEU B 105 -37.20 -19.59 1.01
C LEU B 105 -38.48 -20.18 1.62
N GLY B 106 -38.33 -20.85 2.75
CA GLY B 106 -39.49 -21.45 3.41
C GLY B 106 -39.83 -22.86 2.94
N THR B 107 -39.02 -23.43 2.06
CA THR B 107 -39.25 -24.78 1.54
C THR B 107 -38.93 -25.81 2.60
N VAL B 108 -37.78 -25.64 3.27
CA VAL B 108 -37.33 -26.53 4.33
C VAL B 108 -37.80 -25.90 5.65
N LYS B 109 -38.77 -26.53 6.30
CA LYS B 109 -39.34 -25.97 7.51
C LYS B 109 -39.09 -26.72 8.82
N LYS B 110 -38.43 -27.87 8.76
CA LYS B 110 -38.15 -28.63 9.97
C LYS B 110 -36.66 -28.96 10.07
N TRP B 111 -36.12 -28.97 11.29
CA TRP B 111 -34.72 -29.25 11.50
C TRP B 111 -34.30 -30.67 11.14
N ASN B 112 -35.26 -31.59 11.12
CA ASN B 112 -34.95 -32.98 10.79
C ASN B 112 -35.20 -33.27 9.32
N ASP B 113 -35.32 -32.22 8.51
CA ASP B 113 -35.53 -32.39 7.08
C ASP B 113 -34.37 -33.17 6.45
N PRO B 114 -34.68 -34.08 5.51
CA PRO B 114 -33.68 -34.90 4.83
C PRO B 114 -32.45 -34.16 4.33
N ALA B 115 -32.63 -32.94 3.85
CA ALA B 115 -31.50 -32.15 3.34
C ALA B 115 -30.53 -31.77 4.45
N ILE B 116 -31.04 -31.52 5.65
CA ILE B 116 -30.20 -31.15 6.78
C ILE B 116 -29.55 -32.39 7.38
N VAL B 117 -30.31 -33.48 7.43
CA VAL B 117 -29.82 -34.75 7.95
C VAL B 117 -28.63 -35.21 7.11
N LYS B 118 -28.80 -35.12 5.79
CA LYS B 118 -27.77 -35.54 4.85
C LYS B 118 -26.48 -34.75 5.05
N LEU B 119 -26.60 -33.49 5.45
CA LEU B 119 -25.44 -32.63 5.69
C LEU B 119 -24.88 -32.86 7.08
N ASN B 120 -25.65 -33.55 7.92
CA ASN B 120 -25.23 -33.78 9.30
C ASN B 120 -25.45 -35.20 9.79
N PRO B 121 -24.77 -36.17 9.16
CA PRO B 121 -24.93 -37.57 9.58
C PRO B 121 -24.39 -37.78 11.00
N GLY B 122 -25.18 -38.46 11.83
CA GLY B 122 -24.74 -38.71 13.19
C GLY B 122 -25.23 -37.71 14.22
N VAL B 123 -25.70 -36.55 13.79
CA VAL B 123 -26.18 -35.54 14.72
C VAL B 123 -27.67 -35.73 14.98
N LYS B 124 -28.06 -35.63 16.25
CA LYS B 124 -29.46 -35.80 16.62
C LYS B 124 -30.28 -34.55 16.33
N LEU B 125 -31.02 -34.59 15.23
CA LEU B 125 -31.87 -33.46 14.84
C LEU B 125 -33.29 -33.69 15.32
N PRO B 126 -33.88 -32.69 16.00
CA PRO B 126 -35.25 -32.80 16.53
C PRO B 126 -36.36 -32.56 15.50
N ASP B 127 -37.51 -33.17 15.77
CA ASP B 127 -38.70 -33.03 14.92
C ASP B 127 -39.30 -31.68 15.32
N GLN B 128 -38.60 -30.61 14.97
CA GLN B 128 -39.04 -29.27 15.34
C GLN B 128 -39.03 -28.29 14.18
N ASN B 129 -40.00 -27.37 14.19
CA ASN B 129 -40.10 -26.36 13.14
C ASN B 129 -38.93 -25.40 13.22
N ILE B 130 -38.58 -24.84 12.06
CA ILE B 130 -37.50 -23.87 11.97
C ILE B 130 -38.14 -22.49 12.01
N ALA B 131 -37.84 -21.72 13.04
CA ALA B 131 -38.39 -20.38 13.17
C ALA B 131 -37.37 -19.42 12.55
N VAL B 132 -37.62 -19.02 11.31
CA VAL B 132 -36.71 -18.12 10.61
C VAL B 132 -36.75 -16.68 11.10
N VAL B 133 -35.58 -16.08 11.25
CA VAL B 133 -35.47 -14.70 11.70
C VAL B 133 -34.60 -13.92 10.71
N ARG B 134 -35.06 -12.73 10.33
CA ARG B 134 -34.32 -11.88 9.41
C ARG B 134 -34.37 -10.45 9.91
N ARG B 135 -33.71 -9.54 9.21
CA ARG B 135 -33.67 -8.14 9.62
C ARG B 135 -34.89 -7.35 9.16
N ALA B 136 -35.42 -6.52 10.06
CA ALA B 136 -36.58 -5.70 9.75
C ALA B 136 -36.14 -4.37 9.15
N ASP B 137 -34.97 -3.89 9.57
CA ASP B 137 -34.44 -2.62 9.08
C ASP B 137 -33.53 -2.72 7.85
N GLY B 138 -33.38 -1.60 7.13
CA GLY B 138 -32.50 -1.55 5.96
C GLY B 138 -31.16 -1.94 6.51
N SER B 139 -30.66 -3.11 6.09
CA SER B 139 -29.42 -3.65 6.64
C SER B 139 -28.29 -4.03 5.68
N GLY B 140 -27.06 -3.67 6.07
CA GLY B 140 -25.91 -4.02 5.27
C GLY B 140 -25.60 -5.50 5.45
N THR B 141 -25.98 -6.05 6.60
CA THR B 141 -25.75 -7.47 6.85
C THR B 141 -26.71 -8.24 5.93
N SER B 142 -27.91 -7.72 5.75
CA SER B 142 -28.89 -8.35 4.87
C SER B 142 -28.32 -8.32 3.44
N PHE B 143 -27.71 -7.20 3.08
CA PHE B 143 -27.13 -7.06 1.74
C PHE B 143 -26.09 -8.15 1.51
N VAL B 144 -25.18 -8.30 2.46
CA VAL B 144 -24.14 -9.32 2.37
C VAL B 144 -24.77 -10.70 2.31
N PHE B 145 -25.67 -10.96 3.24
CA PHE B 145 -26.35 -12.25 3.34
C PHE B 145 -27.13 -12.64 2.10
N THR B 146 -27.96 -11.72 1.59
CA THR B 146 -28.76 -12.02 0.43
C THR B 146 -27.91 -12.11 -0.83
N SER B 147 -26.81 -11.35 -0.88
CA SER B 147 -25.90 -11.41 -2.03
C SER B 147 -25.32 -12.81 -2.09
N TYR B 148 -25.02 -13.36 -0.94
CA TYR B 148 -24.48 -14.71 -0.87
C TYR B 148 -25.52 -15.73 -1.32
N LEU B 149 -26.72 -15.68 -0.74
CA LEU B 149 -27.77 -16.62 -1.11
C LEU B 149 -28.04 -16.62 -2.62
N ALA B 150 -27.98 -15.44 -3.23
CA ALA B 150 -28.23 -15.32 -4.66
C ALA B 150 -27.19 -16.11 -5.46
N LYS B 151 -25.97 -16.18 -4.93
CA LYS B 151 -24.90 -16.93 -5.59
C LYS B 151 -25.05 -18.43 -5.45
N VAL B 152 -25.53 -18.90 -4.30
CA VAL B 152 -25.66 -20.33 -4.04
C VAL B 152 -27.04 -20.96 -4.20
N ASN B 153 -28.05 -20.16 -4.49
CA ASN B 153 -29.39 -20.69 -4.65
C ASN B 153 -30.12 -19.94 -5.75
N ALA B 154 -30.23 -20.58 -6.91
CA ALA B 154 -30.88 -19.98 -8.08
C ALA B 154 -32.33 -19.59 -7.83
N GLU B 155 -33.04 -20.40 -7.05
CA GLU B 155 -34.45 -20.11 -6.76
C GLU B 155 -34.53 -18.81 -5.97
N TRP B 156 -33.65 -18.64 -5.00
CA TRP B 156 -33.62 -17.42 -4.20
C TRP B 156 -33.29 -16.23 -5.08
N LYS B 157 -32.27 -16.35 -5.90
CA LYS B 157 -31.88 -15.25 -6.77
C LYS B 157 -33.05 -14.79 -7.65
N GLU B 158 -33.74 -15.75 -8.26
CA GLU B 158 -34.87 -15.46 -9.14
C GLU B 158 -36.06 -14.85 -8.43
N LYS B 159 -36.44 -15.42 -7.30
CA LYS B 159 -37.60 -14.93 -6.55
C LYS B 159 -37.37 -13.76 -5.60
N VAL B 160 -36.20 -13.71 -4.96
CA VAL B 160 -35.94 -12.63 -3.98
C VAL B 160 -34.80 -11.68 -4.35
N GLY B 161 -33.74 -12.22 -4.94
CA GLY B 161 -32.61 -11.39 -5.31
C GLY B 161 -31.82 -10.97 -4.08
N ALA B 162 -31.12 -9.85 -4.18
CA ALA B 162 -30.30 -9.34 -3.08
C ALA B 162 -30.57 -7.87 -2.82
N GLY B 163 -30.15 -7.40 -1.65
CA GLY B 163 -30.33 -6.00 -1.31
C GLY B 163 -30.30 -5.75 0.19
N SER B 164 -30.24 -4.48 0.58
CA SER B 164 -30.24 -4.12 1.98
C SER B 164 -31.64 -4.39 2.55
N THR B 165 -32.59 -4.51 1.63
CA THR B 165 -33.98 -4.85 1.99
C THR B 165 -34.48 -5.70 0.84
N VAL B 166 -35.26 -6.73 1.15
CA VAL B 166 -35.82 -7.60 0.12
C VAL B 166 -37.19 -8.04 0.60
N ASN B 167 -37.95 -8.69 -0.28
CA ASN B 167 -39.26 -9.18 0.12
C ASN B 167 -39.05 -10.60 0.60
N TRP B 168 -38.90 -10.74 1.92
CA TRP B 168 -38.65 -12.04 2.54
C TRP B 168 -39.79 -13.05 2.42
N PRO B 169 -39.49 -14.26 1.90
CA PRO B 169 -40.52 -15.29 1.76
C PRO B 169 -41.09 -15.66 3.11
N THR B 170 -40.28 -15.56 4.15
CA THR B 170 -40.74 -15.92 5.49
C THR B 170 -39.77 -15.41 6.55
N GLY B 171 -40.22 -15.46 7.80
CA GLY B 171 -39.37 -15.02 8.89
C GLY B 171 -39.84 -13.87 9.72
N LEU B 172 -39.42 -13.88 10.98
CA LEU B 172 -39.74 -12.83 11.95
C LEU B 172 -38.70 -11.73 11.73
N GLY B 173 -39.12 -10.47 11.85
CA GLY B 173 -38.21 -9.36 11.64
C GLY B 173 -37.58 -8.81 12.91
N GLY B 174 -36.26 -8.76 12.93
CA GLY B 174 -35.55 -8.23 14.09
C GLY B 174 -34.83 -6.95 13.74
N LYS B 175 -34.81 -6.00 14.68
CA LYS B 175 -34.14 -4.72 14.46
C LYS B 175 -32.66 -4.80 14.82
N GLY B 176 -31.81 -4.60 13.82
CA GLY B 176 -30.37 -4.64 14.04
C GLY B 176 -29.84 -6.02 14.37
N ASN B 177 -28.50 -6.15 14.39
CA ASN B 177 -27.89 -7.42 14.74
C ASN B 177 -28.31 -7.82 16.17
N ASP B 178 -28.47 -6.82 17.03
CA ASP B 178 -28.88 -7.05 18.42
C ASP B 178 -30.25 -7.68 18.48
N GLY B 179 -31.16 -7.14 17.67
CA GLY B 179 -32.52 -7.66 17.63
C GLY B 179 -32.58 -9.10 17.21
N ILE B 180 -31.84 -9.48 16.17
CA ILE B 180 -31.86 -10.86 15.73
C ILE B 180 -31.26 -11.74 16.81
N ALA B 181 -30.12 -11.33 17.38
CA ALA B 181 -29.50 -12.14 18.42
C ALA B 181 -30.52 -12.41 19.54
N ALA B 182 -31.44 -11.48 19.71
CA ALA B 182 -32.48 -11.56 20.72
C ALA B 182 -33.53 -12.63 20.49
N PHE B 183 -34.14 -12.62 19.30
CA PHE B 183 -35.14 -13.61 19.05
C PHE B 183 -34.51 -14.98 19.10
N VAL B 184 -33.27 -15.11 18.63
CA VAL B 184 -32.65 -16.42 18.59
C VAL B 184 -32.46 -16.96 19.99
N GLN B 185 -31.92 -16.12 20.86
CA GLN B 185 -31.67 -16.51 22.23
C GLN B 185 -32.94 -16.95 22.96
N ARG B 186 -34.08 -16.35 22.63
CA ARG B 186 -35.31 -16.71 23.33
C ARG B 186 -36.33 -17.52 22.52
N LEU B 187 -36.01 -17.87 21.29
CA LEU B 187 -36.96 -18.63 20.48
C LEU B 187 -36.42 -20.00 20.04
N PRO B 188 -36.91 -21.07 20.67
CA PRO B 188 -36.49 -22.45 20.35
C PRO B 188 -36.74 -22.77 18.89
N GLY B 189 -35.76 -23.42 18.26
CA GLY B 189 -35.90 -23.79 16.86
C GLY B 189 -35.62 -22.67 15.89
N SER B 190 -35.19 -21.52 16.40
CA SER B 190 -34.93 -20.38 15.54
C SER B 190 -33.56 -20.40 14.87
N ILE B 191 -33.46 -19.65 13.77
CA ILE B 191 -32.21 -19.49 13.03
C ILE B 191 -32.22 -18.04 12.58
N GLY B 192 -31.08 -17.36 12.70
CA GLY B 192 -30.99 -15.98 12.29
C GLY B 192 -29.58 -15.60 11.91
N TYR B 193 -29.42 -14.73 10.91
CA TYR B 193 -28.08 -14.33 10.49
C TYR B 193 -27.62 -13.06 11.22
N VAL B 194 -26.38 -13.11 11.72
CA VAL B 194 -25.81 -11.96 12.44
C VAL B 194 -24.30 -11.93 12.21
N GLU B 195 -23.69 -10.77 12.40
CA GLU B 195 -22.24 -10.68 12.24
C GLU B 195 -21.73 -11.53 13.39
N TYR B 196 -20.69 -12.32 13.13
CA TYR B 196 -20.11 -13.25 14.11
C TYR B 196 -20.02 -12.80 15.56
N ALA B 197 -19.55 -11.57 15.81
CA ALA B 197 -19.41 -11.07 17.18
C ALA B 197 -20.72 -11.15 17.99
N TYR B 198 -21.84 -10.93 17.32
CA TYR B 198 -23.13 -10.97 17.99
C TYR B 198 -23.54 -12.36 18.45
N ALA B 199 -22.97 -13.39 17.84
CA ALA B 199 -23.27 -14.75 18.26
C ALA B 199 -22.32 -15.06 19.40
N LYS B 200 -21.03 -14.83 19.17
CA LYS B 200 -19.99 -15.09 20.16
C LYS B 200 -20.18 -14.33 21.47
N GLN B 201 -20.42 -13.03 21.36
CA GLN B 201 -20.58 -12.20 22.55
C GLN B 201 -21.88 -12.49 23.30
N ASN B 202 -22.84 -13.13 22.65
CA ASN B 202 -24.10 -13.46 23.31
C ASN B 202 -24.20 -14.95 23.61
N ASN B 203 -23.09 -15.66 23.42
CA ASN B 203 -23.04 -17.09 23.67
C ASN B 203 -24.11 -17.87 22.91
N LEU B 204 -24.31 -17.52 21.64
CA LEU B 204 -25.30 -18.20 20.82
C LEU B 204 -24.57 -19.26 19.99
N ALA B 205 -25.23 -20.40 19.77
CA ALA B 205 -24.63 -21.45 18.96
C ALA B 205 -24.69 -21.01 17.50
N TYR B 206 -23.64 -21.32 16.74
CA TYR B 206 -23.61 -20.97 15.33
C TYR B 206 -23.22 -22.21 14.52
N THR B 207 -23.53 -22.21 13.23
CA THR B 207 -23.24 -23.37 12.40
C THR B 207 -21.95 -23.23 11.60
N LYS B 208 -21.55 -24.34 11.01
CA LYS B 208 -20.39 -24.34 10.12
C LYS B 208 -21.09 -24.17 8.79
N LEU B 209 -20.35 -23.83 7.75
CA LEU B 209 -20.93 -23.66 6.43
C LEU B 209 -19.98 -24.31 5.44
N ILE B 210 -20.46 -24.56 4.23
CA ILE B 210 -19.63 -25.16 3.19
C ILE B 210 -19.01 -24.05 2.36
N SER B 211 -17.69 -24.08 2.20
CA SER B 211 -16.99 -23.04 1.44
C SER B 211 -17.32 -23.17 -0.05
N ALA B 212 -16.91 -22.17 -0.83
CA ALA B 212 -17.14 -22.19 -2.27
C ALA B 212 -16.44 -23.42 -2.87
N ASP B 213 -15.36 -23.87 -2.22
CA ASP B 213 -14.63 -25.03 -2.71
C ASP B 213 -15.24 -26.35 -2.25
N GLY B 214 -16.35 -26.27 -1.50
CA GLY B 214 -17.04 -27.47 -1.05
C GLY B 214 -16.60 -28.12 0.24
N LYS B 215 -15.82 -27.41 1.04
CA LYS B 215 -15.33 -27.95 2.30
C LYS B 215 -15.94 -27.21 3.49
N PRO B 216 -16.23 -27.93 4.58
CA PRO B 216 -16.81 -27.30 5.77
C PRO B 216 -15.80 -26.37 6.45
N VAL B 217 -16.25 -25.18 6.82
CA VAL B 217 -15.39 -24.21 7.48
C VAL B 217 -16.09 -23.60 8.69
N SER B 218 -15.30 -23.12 9.64
CA SER B 218 -15.84 -22.48 10.84
C SER B 218 -15.55 -20.99 10.72
N PRO B 219 -16.44 -20.16 11.27
CA PRO B 219 -16.23 -18.71 11.19
C PRO B 219 -15.16 -18.26 12.18
N THR B 220 -14.06 -17.71 11.67
CA THR B 220 -12.98 -17.24 12.52
C THR B 220 -12.28 -16.06 11.88
N GLU B 221 -11.43 -15.39 12.65
CA GLU B 221 -10.69 -14.26 12.12
C GLU B 221 -9.93 -14.75 10.89
N HIS B 222 -9.43 -15.97 10.95
CA HIS B 222 -8.66 -16.53 9.84
C HIS B 222 -9.50 -16.83 8.60
N SER B 223 -10.68 -17.40 8.78
CA SER B 223 -11.54 -17.72 7.64
C SER B 223 -12.12 -16.46 7.00
N PHE B 224 -12.30 -15.40 7.79
CA PHE B 224 -12.81 -14.14 7.23
C PHE B 224 -11.68 -13.49 6.43
N SER B 225 -10.50 -13.43 7.03
CA SER B 225 -9.34 -12.84 6.38
C SER B 225 -8.97 -13.56 5.08
N SER B 226 -9.10 -14.88 5.06
CA SER B 226 -8.76 -15.67 3.88
C SER B 226 -9.58 -15.33 2.63
N ALA B 227 -10.78 -14.80 2.84
CA ALA B 227 -11.65 -14.44 1.70
C ALA B 227 -11.07 -13.30 0.88
N ALA B 228 -10.26 -12.46 1.52
CA ALA B 228 -9.66 -11.32 0.85
C ALA B 228 -8.30 -11.63 0.24
N LYS B 229 -7.82 -12.86 0.46
CA LYS B 229 -6.52 -13.27 -0.06
C LYS B 229 -6.45 -13.12 -1.58
N GLY B 230 -5.44 -12.40 -2.05
CA GLY B 230 -5.26 -12.22 -3.49
C GLY B 230 -6.25 -11.27 -4.15
N VAL B 231 -7.11 -10.65 -3.36
CA VAL B 231 -8.10 -9.70 -3.90
C VAL B 231 -7.40 -8.39 -4.24
N ASP B 232 -7.73 -7.83 -5.39
CA ASP B 232 -7.14 -6.56 -5.81
C ASP B 232 -8.10 -5.42 -5.50
N TRP B 233 -7.66 -4.49 -4.65
CA TRP B 233 -8.49 -3.35 -4.28
C TRP B 233 -8.03 -2.06 -4.97
N SER B 234 -7.04 -2.16 -5.85
CA SER B 234 -6.49 -1.00 -6.54
C SER B 234 -7.47 -0.22 -7.40
N LYS B 235 -8.46 -0.89 -7.98
CA LYS B 235 -9.42 -0.21 -8.84
C LYS B 235 -10.68 0.27 -8.10
N SER B 236 -11.00 -0.39 -7.00
CA SER B 236 -12.18 -0.03 -6.22
C SER B 236 -12.17 -0.70 -4.85
N PHE B 237 -12.56 0.06 -3.83
CA PHE B 237 -12.62 -0.47 -2.47
C PHE B 237 -13.88 -1.30 -2.26
N ALA B 238 -14.83 -1.17 -3.18
CA ALA B 238 -16.10 -1.90 -3.07
C ALA B 238 -15.98 -3.35 -3.54
N GLN B 239 -15.11 -4.11 -2.88
CA GLN B 239 -14.89 -5.50 -3.24
C GLN B 239 -15.87 -6.48 -2.59
N ASP B 240 -16.36 -7.42 -3.40
CA ASP B 240 -17.30 -8.44 -2.94
C ASP B 240 -16.49 -9.61 -2.39
N LEU B 241 -16.69 -9.96 -1.12
CA LEU B 241 -15.94 -11.06 -0.53
C LEU B 241 -16.79 -12.28 -0.21
N THR B 242 -17.93 -12.40 -0.86
CA THR B 242 -18.81 -13.56 -0.63
C THR B 242 -18.49 -14.73 -1.54
N ASN B 243 -18.64 -15.94 -0.98
CA ASN B 243 -18.40 -17.20 -1.66
C ASN B 243 -17.10 -17.23 -2.47
N GLN B 244 -16.00 -16.84 -1.82
CA GLN B 244 -14.70 -16.82 -2.49
C GLN B 244 -13.99 -18.18 -2.39
N LYS B 245 -13.20 -18.50 -3.40
CA LYS B 245 -12.48 -19.77 -3.42
C LYS B 245 -11.23 -19.75 -2.54
N GLY B 246 -10.73 -20.93 -2.22
CA GLY B 246 -9.54 -21.04 -1.38
C GLY B 246 -9.79 -21.86 -0.13
N ASP B 247 -8.71 -22.37 0.46
CA ASP B 247 -8.81 -23.17 1.68
C ASP B 247 -9.18 -22.29 2.88
N ASP B 248 -9.99 -22.84 3.78
CA ASP B 248 -10.42 -22.14 4.99
C ASP B 248 -11.09 -20.79 4.73
N VAL B 249 -11.81 -20.66 3.62
CA VAL B 249 -12.47 -19.40 3.32
C VAL B 249 -13.94 -19.38 3.72
N TRP B 250 -14.28 -18.52 4.68
CA TRP B 250 -15.66 -18.41 5.15
C TRP B 250 -16.48 -17.80 4.02
N PRO B 251 -17.51 -18.50 3.55
CA PRO B 251 -18.40 -18.08 2.46
C PRO B 251 -19.19 -16.77 2.59
N ILE B 252 -19.53 -16.35 3.80
CA ILE B 252 -20.29 -15.12 3.95
C ILE B 252 -19.47 -14.05 4.65
N THR B 253 -18.44 -13.59 3.96
CA THR B 253 -17.52 -12.58 4.49
C THR B 253 -17.72 -11.23 3.78
N SER B 254 -17.38 -10.15 4.48
CA SER B 254 -17.54 -8.81 3.90
C SER B 254 -16.76 -7.77 4.69
N THR B 255 -16.37 -6.71 4.01
CA THR B 255 -15.70 -5.63 4.71
C THR B 255 -16.85 -4.68 5.02
N THR B 256 -16.55 -3.49 5.51
CA THR B 256 -17.61 -2.55 5.83
C THR B 256 -17.00 -1.17 5.60
N PHE B 257 -17.82 -0.20 5.22
CA PHE B 257 -17.33 1.13 4.89
C PHE B 257 -17.75 2.33 5.74
N ILE B 258 -16.93 3.37 5.67
CA ILE B 258 -17.18 4.62 6.36
C ILE B 258 -17.39 5.64 5.25
N LEU B 259 -18.34 6.54 5.46
CA LEU B 259 -18.66 7.57 4.47
C LEU B 259 -18.43 8.97 5.00
N VAL B 260 -17.61 9.74 4.30
CA VAL B 260 -17.35 11.12 4.71
C VAL B 260 -17.48 12.03 3.50
N HIS B 261 -17.83 13.29 3.74
CA HIS B 261 -17.96 14.25 2.66
C HIS B 261 -16.58 14.64 2.15
N LYS B 262 -16.44 14.78 0.84
CA LYS B 262 -15.17 15.13 0.23
C LYS B 262 -14.81 16.57 0.57
N GLU B 263 -15.82 17.39 0.75
CA GLU B 263 -15.62 18.78 1.13
C GLU B 263 -16.09 18.90 2.57
N GLN B 264 -15.13 19.00 3.49
CA GLN B 264 -15.41 19.11 4.92
C GLN B 264 -15.66 20.54 5.37
N LYS B 265 -16.93 20.88 5.61
CA LYS B 265 -17.28 22.22 6.06
C LYS B 265 -16.55 22.51 7.37
N ASN B 266 -16.45 21.50 8.22
CA ASN B 266 -15.75 21.63 9.49
C ASN B 266 -14.48 20.80 9.35
N ALA B 267 -13.40 21.45 8.91
CA ALA B 267 -12.12 20.80 8.70
C ALA B 267 -11.59 20.09 9.93
N ALA B 268 -11.76 20.69 11.09
CA ALA B 268 -11.29 20.11 12.34
C ALA B 268 -11.95 18.75 12.58
N ASN B 269 -13.27 18.72 12.48
CA ASN B 269 -14.02 17.48 12.67
C ASN B 269 -13.59 16.42 11.68
N GLY B 270 -13.50 16.81 10.41
CA GLY B 270 -13.10 15.87 9.37
C GLY B 270 -11.73 15.30 9.66
N THR B 271 -10.81 16.17 10.08
CA THR B 271 -9.45 15.74 10.40
C THR B 271 -9.47 14.73 11.55
N GLU B 272 -10.26 15.00 12.58
CA GLU B 272 -10.32 14.11 13.73
C GLU B 272 -11.01 12.78 13.39
N VAL B 273 -11.92 12.80 12.42
CA VAL B 273 -12.59 11.56 12.01
C VAL B 273 -11.56 10.63 11.36
N LEU B 274 -10.73 11.18 10.47
CA LEU B 274 -9.72 10.37 9.80
C LEU B 274 -8.65 9.89 10.78
N LYS B 275 -8.30 10.73 11.75
CA LYS B 275 -7.30 10.35 12.74
C LYS B 275 -7.81 9.15 13.55
N PHE B 276 -9.12 9.09 13.76
CA PHE B 276 -9.69 7.97 14.52
C PHE B 276 -9.51 6.66 13.77
N PHE B 277 -9.93 6.63 12.51
CA PHE B 277 -9.81 5.40 11.73
C PHE B 277 -8.37 5.08 11.41
N ASP B 278 -7.52 6.10 11.38
CA ASP B 278 -6.10 5.85 11.11
C ASP B 278 -5.54 5.14 12.33
N TRP B 279 -6.03 5.54 13.51
CA TRP B 279 -5.60 4.92 14.76
C TRP B 279 -6.10 3.47 14.73
N GLY B 280 -7.29 3.28 14.18
CA GLY B 280 -7.85 1.94 14.07
C GLY B 280 -6.92 1.03 13.29
N TYR B 281 -6.42 1.52 12.16
CA TYR B 281 -5.50 0.74 11.32
C TYR B 281 -4.15 0.52 12.01
N THR B 282 -3.64 1.57 12.64
CA THR B 282 -2.34 1.51 13.29
C THR B 282 -2.28 0.80 14.63
N HIS B 283 -3.20 1.14 15.54
CA HIS B 283 -3.18 0.53 16.87
C HIS B 283 -4.40 -0.31 17.24
N GLY B 284 -5.38 -0.40 16.35
CA GLY B 284 -6.57 -1.17 16.69
C GLY B 284 -6.64 -2.61 16.23
N ALA B 285 -5.57 -3.13 15.66
CA ALA B 285 -5.58 -4.52 15.16
C ALA B 285 -5.86 -5.58 16.22
N LYS B 286 -5.14 -5.50 17.33
CA LYS B 286 -5.32 -6.47 18.41
C LYS B 286 -6.76 -6.50 18.93
N GLN B 287 -7.35 -5.33 19.09
CA GLN B 287 -8.72 -5.24 19.58
C GLN B 287 -9.73 -5.74 18.57
N ALA B 288 -9.47 -5.48 17.29
CA ALA B 288 -10.37 -5.96 16.24
C ALA B 288 -10.34 -7.48 16.25
N ASN B 289 -9.14 -8.04 16.31
CA ASN B 289 -8.95 -9.49 16.33
C ASN B 289 -9.61 -10.15 17.52
N GLU B 290 -9.56 -9.49 18.68
CA GLU B 290 -10.16 -10.03 19.89
C GLU B 290 -11.66 -10.17 19.70
N LEU B 291 -12.24 -9.30 18.88
CA LEU B 291 -13.67 -9.34 18.60
C LEU B 291 -13.95 -10.17 17.35
N ASP B 292 -12.93 -10.88 16.89
CA ASP B 292 -13.01 -11.76 15.73
C ASP B 292 -13.20 -11.11 14.37
N TYR B 293 -12.69 -9.90 14.22
CA TYR B 293 -12.74 -9.21 12.95
C TYR B 293 -11.33 -9.30 12.39
N ALA B 294 -11.20 -9.42 11.08
CA ALA B 294 -9.89 -9.46 10.45
C ALA B 294 -9.58 -8.01 10.07
N THR B 295 -8.30 -7.68 10.03
CA THR B 295 -7.88 -6.33 9.68
C THR B 295 -7.82 -6.14 8.17
N LEU B 296 -7.86 -4.90 7.73
CA LEU B 296 -7.80 -4.61 6.31
C LEU B 296 -6.34 -4.84 5.90
N PRO B 297 -6.12 -5.55 4.77
CA PRO B 297 -4.76 -5.82 4.29
C PRO B 297 -3.87 -4.57 4.36
N ALA B 298 -2.65 -4.74 4.85
CA ALA B 298 -1.72 -3.63 5.01
C ALA B 298 -1.57 -2.75 3.76
N GLU B 299 -1.52 -3.36 2.58
CA GLU B 299 -1.39 -2.60 1.35
C GLU B 299 -2.62 -1.76 1.04
N VAL B 300 -3.79 -2.30 1.38
CA VAL B 300 -5.04 -1.57 1.14
C VAL B 300 -5.09 -0.37 2.08
N VAL B 301 -4.55 -0.54 3.28
CA VAL B 301 -4.50 0.55 4.24
C VAL B 301 -3.76 1.73 3.64
N GLU B 302 -2.64 1.46 2.98
CA GLU B 302 -1.86 2.52 2.37
C GLU B 302 -2.66 3.16 1.22
N GLN B 303 -3.47 2.36 0.54
CA GLN B 303 -4.30 2.86 -0.56
C GLN B 303 -5.31 3.86 -0.01
N VAL B 304 -5.93 3.49 1.11
CA VAL B 304 -6.91 4.34 1.76
C VAL B 304 -6.26 5.65 2.17
N ARG B 305 -5.10 5.57 2.83
CA ARG B 305 -4.40 6.77 3.26
C ARG B 305 -4.09 7.69 2.09
N ALA B 306 -3.66 7.10 0.98
CA ALA B 306 -3.33 7.87 -0.22
C ALA B 306 -4.60 8.56 -0.74
N ALA B 307 -5.71 7.84 -0.70
CA ALA B 307 -6.98 8.37 -1.16
C ALA B 307 -7.46 9.50 -0.24
N TRP B 308 -7.26 9.34 1.06
CA TRP B 308 -7.67 10.37 2.01
C TRP B 308 -7.02 11.71 1.65
N LYS B 309 -5.72 11.65 1.31
CA LYS B 309 -4.96 12.84 0.96
C LYS B 309 -5.38 13.52 -0.34
N THR B 310 -5.97 12.76 -1.26
CA THR B 310 -6.37 13.32 -2.54
C THR B 310 -7.87 13.57 -2.68
N GLN B 311 -8.68 12.84 -1.93
CA GLN B 311 -10.13 12.97 -2.05
C GLN B 311 -10.80 13.86 -1.02
N ILE B 312 -10.12 14.18 0.07
CA ILE B 312 -10.73 15.00 1.11
C ILE B 312 -10.10 16.38 1.28
N LYS B 313 -10.93 17.42 1.31
CA LYS B 313 -10.42 18.78 1.46
C LYS B 313 -11.36 19.68 2.24
N ASP B 314 -10.81 20.77 2.79
CA ASP B 314 -11.63 21.72 3.53
C ASP B 314 -12.26 22.64 2.49
N SER B 315 -13.18 23.49 2.94
CA SER B 315 -13.86 24.41 2.03
C SER B 315 -12.87 25.31 1.29
N SER B 316 -11.61 25.27 1.72
CA SER B 316 -10.56 26.09 1.10
C SER B 316 -9.83 25.37 -0.02
N GLY B 317 -9.99 24.05 -0.11
CA GLY B 317 -9.33 23.29 -1.15
C GLY B 317 -8.08 22.57 -0.67
N LYS B 318 -7.75 22.76 0.60
CA LYS B 318 -6.57 22.12 1.18
C LYS B 318 -6.93 20.79 1.83
N PRO B 319 -6.05 19.78 1.67
CA PRO B 319 -6.25 18.44 2.24
C PRO B 319 -6.41 18.51 3.76
N ILE B 320 -7.16 17.58 4.33
CA ILE B 320 -7.36 17.57 5.78
C ILE B 320 -6.60 16.43 6.45
N PHE B 321 -5.81 15.71 5.66
CA PHE B 321 -5.02 14.60 6.20
C PHE B 321 -3.56 14.73 5.79
P PO4 C . 16.08 10.70 -6.73
O1 PO4 C . 15.47 9.39 -7.04
O2 PO4 C . 15.48 11.24 -5.47
O3 PO4 C . 17.55 10.54 -6.53
O4 PO4 C . 15.83 11.65 -7.84
P PO4 D . -26.08 -3.45 9.50
O1 PO4 D . -26.66 -4.78 9.18
O2 PO4 D . -26.68 -2.94 10.76
O3 PO4 D . -24.60 -3.57 9.67
O4 PO4 D . -26.38 -2.50 8.39
#